data_1GA2
#
_entry.id   1GA2
#
_cell.length_a   56.850
_cell.length_b   57.670
_cell.length_c   86.580
_cell.angle_alpha   93.82
_cell.angle_beta   100.86
_cell.angle_gamma   99.46
#
_symmetry.space_group_name_H-M   'P 1'
#
loop_
_entity.id
_entity.type
_entity.pdbx_description
1 polymer 'ENDOGLUCANASE 9G'
2 branched beta-D-glucopyranose-(1-4)-beta-D-glucopyranose-(1-4)-beta-D-glucopyranose
3 branched beta-D-glucopyranose-(1-4)-beta-D-glucopyranose
4 non-polymer 'CALCIUM ION'
5 non-polymer 'MAGNESIUM ION'
6 non-polymer GLYCEROL
7 non-polymer 'ACETIC ACID'
8 water water
#
_entity_poly.entity_id   1
_entity_poly.type   'polypeptide(L)'
_entity_poly.pdbx_seq_one_letter_code
;AGTYNYGEALQKSIMFYEFQRSGDLPADKRDNWRDDSGMKDGSDVGVDLTGGWYDAGDHVKFNLPMSYTSAMLAWSLYED
KDAYDKSGQTKYIMDGIKWANDYFIKCNPTPGVYYYQVGDGGKDHSWWGPAEVMQMERPSFKVDASKPGSAVCASTAASL
ASAAVVFKSSDPTYAEKCISHAKNLFDMADKAKSDAGYTAASGYYSSSSFYDDLSWAAVWLYLATNDSTYLDKAESYVPN
WGKEQQTDIIAYKWGQCWDDVHYGAELLLAKLTNKQLYKDSIEMNLDFWTTGVNGTRVSYTPKGLAWLFQWGSLRHATTQ
AFLAGVYAEWEGCTPSKVSVYKDFLKSQIDYALGSTGRSFVVGYGVNPPQHPHHRTAHGSWTDQMTSPTYHRHTIYGALV
GGPDNADGYTDEINNYVNNEIACDYNAGFTGALAKMYKHSGGDPIPNFKAIEKITNDEVIIKAGLNSTGPNYTEIKAVVY
NQTGWPARVTDKISFKYFMDLSEIVAAGIDPLSLVTSSNYSEGKNTKVSGVLPWDVSNNVYYVNVDLTGENIYPGGQSAC
RREVQFRIAAPQGTTYWNPKNDFSYDGLPTTSTVNTVTNIPVYDNGVKVFGNEP
;
_entity_poly.pdbx_strand_id   A,B
#
# COMPACT_ATOMS: atom_id res chain seq x y z
N TYR A 4 -22.62 4.65 -24.24
CA TYR A 4 -21.36 3.85 -24.11
C TYR A 4 -20.62 3.80 -25.44
N ASN A 5 -19.31 3.60 -25.38
CA ASN A 5 -18.52 3.51 -26.59
C ASN A 5 -18.62 2.07 -27.09
N TYR A 6 -19.52 1.84 -28.04
CA TYR A 6 -19.73 0.51 -28.58
C TYR A 6 -18.63 0.03 -29.52
N GLY A 7 -17.99 0.97 -30.21
CA GLY A 7 -16.91 0.60 -31.12
C GLY A 7 -15.73 0.03 -30.36
N GLU A 8 -15.40 0.67 -29.24
CA GLU A 8 -14.29 0.23 -28.40
C GLU A 8 -14.63 -1.13 -27.81
N ALA A 9 -15.88 -1.30 -27.40
CA ALA A 9 -16.30 -2.57 -26.81
C ALA A 9 -16.17 -3.66 -27.88
N LEU A 10 -16.60 -3.35 -29.10
CA LEU A 10 -16.54 -4.31 -30.20
C LEU A 10 -15.09 -4.72 -30.45
N GLN A 11 -14.24 -3.70 -30.52
CA GLN A 11 -12.82 -3.89 -30.74
C GLN A 11 -12.21 -4.80 -29.69
N LYS A 12 -12.53 -4.55 -28.42
CA LYS A 12 -11.98 -5.38 -27.35
C LYS A 12 -12.58 -6.79 -27.29
N SER A 13 -13.85 -6.93 -27.63
CA SER A 13 -14.50 -8.24 -27.63
C SER A 13 -13.83 -9.16 -28.66
N ILE A 14 -13.48 -8.58 -29.82
CA ILE A 14 -12.80 -9.36 -30.85
C ILE A 14 -11.39 -9.71 -30.36
N MET A 15 -10.72 -8.74 -29.76
CA MET A 15 -9.37 -8.96 -29.27
C MET A 15 -9.31 -10.06 -28.24
N PHE A 16 -10.38 -10.21 -27.46
CA PHE A 16 -10.44 -11.23 -26.41
C PHE A 16 -9.99 -12.59 -26.95
N TYR A 17 -10.48 -12.95 -28.13
CA TYR A 17 -10.14 -14.23 -28.73
C TYR A 17 -8.66 -14.41 -29.02
N GLU A 18 -7.97 -13.32 -29.35
CA GLU A 18 -6.55 -13.40 -29.59
C GLU A 18 -5.81 -13.89 -28.35
N PHE A 19 -6.32 -13.54 -27.17
CA PHE A 19 -5.71 -13.96 -25.90
C PHE A 19 -6.05 -15.42 -25.57
N GLN A 20 -7.03 -15.98 -26.27
CA GLN A 20 -7.44 -17.38 -26.07
C GLN A 20 -6.67 -18.31 -27.01
N ARG A 21 -5.94 -17.73 -27.96
CA ARG A 21 -5.24 -18.56 -28.94
C ARG A 21 -4.23 -19.56 -28.42
N SER A 22 -4.34 -20.77 -28.95
CA SER A 22 -3.40 -21.85 -28.62
C SER A 22 -2.57 -22.06 -29.89
N GLY A 23 -1.39 -22.67 -29.75
CA GLY A 23 -0.59 -22.93 -30.93
C GLY A 23 0.54 -21.95 -31.24
N ASP A 24 1.00 -22.01 -32.49
CA ASP A 24 2.09 -21.17 -33.00
C ASP A 24 1.52 -19.79 -33.32
N LEU A 25 1.75 -18.82 -32.44
CA LEU A 25 1.19 -17.49 -32.64
C LEU A 25 1.84 -16.65 -33.74
N PRO A 26 1.05 -15.81 -34.41
CA PRO A 26 1.52 -14.94 -35.50
C PRO A 26 2.58 -13.95 -35.08
N ALA A 27 3.47 -13.64 -36.02
CA ALA A 27 4.51 -12.68 -35.77
C ALA A 27 3.84 -11.31 -35.65
N ASP A 28 2.67 -11.17 -36.28
CA ASP A 28 1.94 -9.91 -36.24
C ASP A 28 1.12 -9.69 -34.96
N LYS A 29 1.28 -10.56 -33.95
CA LYS A 29 0.49 -10.41 -32.73
C LYS A 29 0.69 -9.06 -32.04
N ARG A 30 -0.38 -8.54 -31.46
CA ARG A 30 -0.34 -7.25 -30.80
C ARG A 30 -0.35 -7.28 -29.27
N ASP A 31 0.33 -8.27 -28.70
CA ASP A 31 0.43 -8.36 -27.25
C ASP A 31 1.82 -8.89 -26.95
N ASN A 32 2.28 -8.74 -25.71
CA ASN A 32 3.60 -9.23 -25.36
C ASN A 32 3.52 -10.22 -24.20
N TRP A 33 2.34 -10.80 -23.99
CA TRP A 33 2.21 -11.76 -22.89
C TRP A 33 1.68 -13.15 -23.25
N ARG A 34 1.34 -13.36 -24.52
CA ARG A 34 0.91 -14.67 -24.97
C ARG A 34 2.00 -15.15 -25.94
N ASP A 35 2.30 -16.45 -25.95
CA ASP A 35 3.30 -16.97 -26.87
C ASP A 35 2.91 -18.39 -27.25
N ASP A 36 3.76 -19.07 -28.01
CA ASP A 36 3.46 -20.44 -28.42
C ASP A 36 3.10 -21.33 -27.23
N SER A 37 2.12 -22.19 -27.43
CA SER A 37 1.67 -23.08 -26.38
C SER A 37 0.87 -24.20 -27.05
N GLY A 38 0.70 -25.31 -26.34
CA GLY A 38 -0.02 -26.46 -26.89
C GLY A 38 0.64 -26.85 -28.19
N MET A 39 1.96 -26.70 -28.24
CA MET A 39 2.72 -26.98 -29.45
C MET A 39 2.87 -28.45 -29.83
N LYS A 40 2.51 -29.34 -28.92
CA LYS A 40 2.58 -30.79 -29.17
C LYS A 40 1.16 -31.36 -29.30
N ASP A 41 0.17 -30.48 -29.39
CA ASP A 41 -1.21 -30.92 -29.54
C ASP A 41 -1.37 -31.81 -30.77
N GLY A 42 -1.86 -33.03 -30.53
CA GLY A 42 -2.07 -34.00 -31.58
C GLY A 42 -0.90 -34.97 -31.74
N SER A 43 0.20 -34.71 -31.04
CA SER A 43 1.36 -35.58 -31.15
C SER A 43 1.06 -37.02 -30.75
N ASP A 44 0.07 -37.21 -29.88
CA ASP A 44 -0.29 -38.55 -29.46
C ASP A 44 -0.95 -39.38 -30.56
N VAL A 45 -1.53 -38.72 -31.57
CA VAL A 45 -2.15 -39.44 -32.67
C VAL A 45 -1.43 -39.19 -34.01
N GLY A 46 -0.31 -38.49 -33.97
CA GLY A 46 0.44 -38.23 -35.19
C GLY A 46 -0.19 -37.22 -36.14
N VAL A 47 -0.98 -36.31 -35.59
CA VAL A 47 -1.62 -35.30 -36.42
C VAL A 47 -1.34 -33.92 -35.83
N ASP A 48 -1.05 -32.95 -36.69
CA ASP A 48 -0.81 -31.60 -36.22
C ASP A 48 -2.18 -31.03 -35.87
N LEU A 49 -2.46 -30.90 -34.58
CA LEU A 49 -3.73 -30.34 -34.13
C LEU A 49 -3.49 -29.05 -33.36
N THR A 50 -2.38 -28.37 -33.68
CA THR A 50 -2.07 -27.12 -33.00
C THR A 50 -2.99 -26.01 -33.49
N GLY A 51 -3.20 -25.01 -32.64
CA GLY A 51 -4.05 -23.91 -33.01
C GLY A 51 -5.37 -23.92 -32.26
N GLY A 52 -6.34 -23.18 -32.79
CA GLY A 52 -7.63 -23.11 -32.15
C GLY A 52 -7.60 -22.20 -30.92
N TRP A 53 -8.68 -22.20 -30.15
CA TRP A 53 -8.75 -21.36 -28.97
C TRP A 53 -8.95 -22.19 -27.70
N TYR A 54 -8.31 -21.78 -26.61
CA TYR A 54 -8.55 -22.42 -25.33
C TYR A 54 -9.99 -22.02 -24.98
N ASP A 55 -10.75 -22.93 -24.41
CA ASP A 55 -12.13 -22.65 -24.11
C ASP A 55 -12.51 -21.50 -23.19
N ALA A 56 -12.00 -21.52 -21.96
CA ALA A 56 -12.43 -20.51 -21.01
C ALA A 56 -11.26 -20.01 -20.20
N GLY A 57 -11.31 -20.23 -18.88
CA GLY A 57 -10.21 -19.83 -18.03
C GLY A 57 -9.19 -20.95 -17.97
N ASP A 58 -9.44 -21.98 -18.76
CA ASP A 58 -8.60 -23.18 -18.80
C ASP A 58 -7.86 -23.33 -20.13
N HIS A 59 -7.25 -24.50 -20.36
CA HIS A 59 -6.52 -24.71 -21.59
C HIS A 59 -6.95 -25.92 -22.41
N VAL A 60 -8.16 -26.40 -22.16
CA VAL A 60 -8.67 -27.51 -22.97
C VAL A 60 -9.24 -26.90 -24.23
N LYS A 61 -9.14 -27.63 -25.33
CA LYS A 61 -9.71 -27.20 -26.59
C LYS A 61 -10.93 -28.11 -26.76
N PHE A 62 -12.10 -27.53 -26.48
CA PHE A 62 -13.40 -28.19 -26.55
C PHE A 62 -14.05 -27.73 -27.86
N ASN A 63 -14.05 -28.58 -28.87
CA ASN A 63 -14.54 -28.16 -30.18
C ASN A 63 -16.02 -27.80 -30.33
N LEU A 64 -16.89 -28.27 -29.44
CA LEU A 64 -18.30 -27.90 -29.56
C LEU A 64 -18.48 -26.39 -29.27
N PRO A 65 -18.09 -25.91 -28.06
CA PRO A 65 -18.27 -24.47 -27.85
C PRO A 65 -17.34 -23.63 -28.76
N MET A 66 -16.20 -24.20 -29.16
CA MET A 66 -15.27 -23.45 -29.99
C MET A 66 -15.86 -23.17 -31.36
N SER A 67 -16.50 -24.19 -31.94
CA SER A 67 -17.11 -24.04 -33.25
C SER A 67 -18.39 -23.23 -33.15
N TYR A 68 -19.10 -23.36 -32.04
CA TYR A 68 -20.29 -22.53 -31.84
C TYR A 68 -19.85 -21.06 -31.92
N THR A 69 -18.76 -20.76 -31.23
CA THR A 69 -18.22 -19.41 -31.17
C THR A 69 -17.85 -18.85 -32.53
N SER A 70 -17.03 -19.57 -33.29
CA SER A 70 -16.64 -19.07 -34.60
C SER A 70 -17.83 -18.99 -35.55
N ALA A 71 -18.81 -19.87 -35.41
CA ALA A 71 -19.99 -19.81 -36.27
C ALA A 71 -20.76 -18.53 -35.95
N MET A 72 -20.85 -18.20 -34.66
CA MET A 72 -21.57 -16.99 -34.26
C MET A 72 -20.83 -15.72 -34.70
N LEU A 73 -19.50 -15.73 -34.68
CA LEU A 73 -18.74 -14.56 -35.11
C LEU A 73 -18.91 -14.37 -36.62
N ALA A 74 -18.88 -15.48 -37.36
CA ALA A 74 -19.06 -15.39 -38.80
C ALA A 74 -20.48 -14.91 -39.09
N TRP A 75 -21.44 -15.38 -38.30
CA TRP A 75 -22.83 -14.94 -38.52
C TRP A 75 -22.88 -13.40 -38.37
N SER A 76 -22.18 -12.86 -37.37
CA SER A 76 -22.18 -11.42 -37.19
C SER A 76 -21.58 -10.69 -38.40
N LEU A 77 -20.45 -11.20 -38.89
CA LEU A 77 -19.81 -10.57 -40.03
C LEU A 77 -20.70 -10.65 -41.27
N TYR A 78 -21.47 -11.73 -41.37
CA TYR A 78 -22.39 -11.93 -42.47
C TYR A 78 -23.50 -10.89 -42.40
N GLU A 79 -24.01 -10.66 -41.20
CA GLU A 79 -25.10 -9.71 -41.01
C GLU A 79 -24.68 -8.25 -41.02
N ASP A 80 -23.51 -7.96 -40.48
CA ASP A 80 -23.08 -6.57 -40.35
C ASP A 80 -21.69 -6.20 -40.80
N LYS A 81 -21.30 -6.64 -42.00
N LYS A 81 -21.31 -6.64 -42.00
CA LYS A 81 -19.97 -6.33 -42.50
CA LYS A 81 -19.98 -6.33 -42.51
C LYS A 81 -19.71 -4.82 -42.49
C LYS A 81 -19.71 -4.83 -42.49
N ASP A 82 -20.73 -4.02 -42.78
CA ASP A 82 -20.56 -2.58 -42.79
C ASP A 82 -20.13 -2.02 -41.45
N ALA A 83 -20.61 -2.62 -40.36
CA ALA A 83 -20.20 -2.18 -39.03
C ALA A 83 -18.72 -2.49 -38.80
N TYR A 84 -18.29 -3.67 -39.23
CA TYR A 84 -16.90 -4.05 -39.09
C TYR A 84 -16.01 -3.18 -39.97
N ASP A 85 -16.42 -2.91 -41.20
CA ASP A 85 -15.62 -2.07 -42.08
C ASP A 85 -15.46 -0.65 -41.51
N LYS A 86 -16.57 -0.04 -41.15
CA LYS A 86 -16.57 1.32 -40.61
C LYS A 86 -15.76 1.45 -39.32
N SER A 87 -15.79 0.42 -38.47
CA SER A 87 -15.03 0.47 -37.21
C SER A 87 -13.57 0.08 -37.43
N GLY A 88 -13.26 -0.43 -38.62
CA GLY A 88 -11.90 -0.83 -38.92
C GLY A 88 -11.48 -2.13 -38.24
N GLN A 89 -12.46 -2.92 -37.81
CA GLN A 89 -12.17 -4.17 -37.12
C GLN A 89 -12.31 -5.42 -37.99
N THR A 90 -12.65 -5.24 -39.25
CA THR A 90 -12.85 -6.36 -40.17
C THR A 90 -11.68 -7.34 -40.24
N LYS A 91 -10.47 -6.84 -40.35
CA LYS A 91 -9.31 -7.73 -40.43
C LYS A 91 -9.19 -8.59 -39.19
N TYR A 92 -9.43 -7.99 -38.03
CA TYR A 92 -9.31 -8.69 -36.76
C TYR A 92 -10.32 -9.80 -36.54
N ILE A 93 -11.59 -9.55 -36.86
CA ILE A 93 -12.57 -10.60 -36.67
C ILE A 93 -12.38 -11.70 -37.71
N MET A 94 -11.96 -11.33 -38.92
CA MET A 94 -11.74 -12.37 -39.93
C MET A 94 -10.56 -13.24 -39.52
N ASP A 95 -9.53 -12.63 -38.94
CA ASP A 95 -8.37 -13.40 -38.51
C ASP A 95 -8.79 -14.39 -37.41
N GLY A 96 -9.70 -13.95 -36.54
CA GLY A 96 -10.19 -14.83 -35.49
C GLY A 96 -10.97 -16.00 -36.07
N ILE A 97 -11.91 -15.71 -36.94
CA ILE A 97 -12.71 -16.74 -37.58
C ILE A 97 -11.78 -17.74 -38.29
N LYS A 98 -10.77 -17.24 -38.98
CA LYS A 98 -9.84 -18.14 -39.67
C LYS A 98 -8.99 -18.94 -38.69
N TRP A 99 -8.66 -18.35 -37.55
CA TRP A 99 -7.87 -19.05 -36.55
C TRP A 99 -8.59 -20.32 -36.08
N ALA A 100 -9.88 -20.17 -35.77
CA ALA A 100 -10.63 -21.32 -35.31
C ALA A 100 -10.83 -22.33 -36.44
N ASN A 101 -11.21 -21.85 -37.61
CA ASN A 101 -11.47 -22.76 -38.71
C ASN A 101 -10.25 -23.47 -39.30
N ASP A 102 -9.10 -22.83 -39.22
CA ASP A 102 -7.87 -23.47 -39.70
C ASP A 102 -7.65 -24.69 -38.81
N TYR A 103 -7.97 -24.54 -37.53
CA TYR A 103 -7.81 -25.63 -36.57
C TYR A 103 -8.85 -26.73 -36.85
N PHE A 104 -10.11 -26.36 -37.12
CA PHE A 104 -11.10 -27.40 -37.40
C PHE A 104 -10.70 -28.20 -38.64
N ILE A 105 -10.11 -27.53 -39.62
CA ILE A 105 -9.64 -28.21 -40.82
C ILE A 105 -8.57 -29.23 -40.43
N LYS A 106 -7.63 -28.82 -39.58
CA LYS A 106 -6.59 -29.75 -39.14
C LYS A 106 -7.22 -30.95 -38.42
N CYS A 107 -8.33 -30.70 -37.72
CA CYS A 107 -9.03 -31.76 -36.98
C CYS A 107 -9.77 -32.79 -37.85
N ASN A 108 -9.83 -32.53 -39.16
CA ASN A 108 -10.51 -33.43 -40.12
C ASN A 108 -9.39 -33.83 -41.11
N PRO A 109 -8.36 -34.55 -40.63
CA PRO A 109 -7.22 -34.98 -41.45
C PRO A 109 -7.48 -35.91 -42.63
N THR A 110 -8.56 -36.68 -42.52
CA THR A 110 -8.92 -37.61 -43.58
C THR A 110 -10.43 -37.72 -43.55
N PRO A 111 -11.05 -37.99 -44.71
CA PRO A 111 -12.52 -38.10 -44.74
C PRO A 111 -13.06 -39.08 -43.72
N GLY A 112 -14.09 -38.67 -42.99
CA GLY A 112 -14.70 -39.54 -42.00
C GLY A 112 -14.09 -39.58 -40.61
N VAL A 113 -13.05 -38.80 -40.38
CA VAL A 113 -12.38 -38.73 -39.08
C VAL A 113 -12.37 -37.30 -38.55
N TYR A 114 -12.80 -37.10 -37.30
CA TYR A 114 -12.81 -35.77 -36.71
C TYR A 114 -12.35 -35.72 -35.26
N TYR A 115 -11.24 -35.02 -35.01
CA TYR A 115 -10.74 -34.84 -33.65
C TYR A 115 -11.55 -33.69 -33.06
N TYR A 116 -12.22 -33.96 -31.96
CA TYR A 116 -13.09 -32.97 -31.36
C TYR A 116 -12.61 -32.38 -30.06
N GLN A 117 -11.43 -32.78 -29.63
CA GLN A 117 -10.90 -32.26 -28.39
C GLN A 117 -9.43 -32.51 -28.23
N VAL A 118 -8.75 -31.57 -27.58
CA VAL A 118 -7.33 -31.76 -27.24
C VAL A 118 -7.23 -31.27 -25.79
N GLY A 119 -6.85 -32.20 -24.92
CA GLY A 119 -6.74 -31.88 -23.50
C GLY A 119 -7.75 -32.66 -22.69
N ASP A 120 -7.46 -32.88 -21.41
CA ASP A 120 -8.35 -33.58 -20.50
C ASP A 120 -8.78 -32.60 -19.40
N GLY A 121 -10.08 -32.39 -19.27
CA GLY A 121 -10.58 -31.46 -18.28
C GLY A 121 -10.01 -31.69 -16.88
N GLY A 122 -10.04 -32.95 -16.45
CA GLY A 122 -9.53 -33.30 -15.13
C GLY A 122 -8.09 -32.91 -14.91
N LYS A 123 -7.21 -33.31 -15.82
CA LYS A 123 -5.79 -32.98 -15.71
C LYS A 123 -5.53 -31.49 -15.92
N ASP A 124 -6.16 -30.92 -16.94
CA ASP A 124 -5.95 -29.50 -17.23
C ASP A 124 -6.33 -28.57 -16.08
N HIS A 125 -7.46 -28.84 -15.45
CA HIS A 125 -7.96 -28.00 -14.36
C HIS A 125 -7.27 -28.20 -13.01
N SER A 126 -6.46 -29.25 -12.90
CA SER A 126 -5.77 -29.54 -11.66
C SER A 126 -4.52 -28.67 -11.47
N TRP A 127 -4.18 -27.89 -12.49
CA TRP A 127 -3.00 -27.03 -12.45
C TRP A 127 -3.39 -25.59 -12.75
N TRP A 128 -2.87 -24.65 -11.95
CA TRP A 128 -3.18 -23.23 -12.15
C TRP A 128 -1.94 -22.45 -12.60
N GLY A 129 -1.79 -22.28 -13.90
CA GLY A 129 -0.63 -21.57 -14.43
C GLY A 129 -0.82 -21.14 -15.87
N PRO A 130 0.17 -20.45 -16.47
CA PRO A 130 0.09 -19.96 -17.85
C PRO A 130 0.17 -21.05 -18.90
N ALA A 131 -0.59 -20.86 -19.98
CA ALA A 131 -0.64 -21.81 -21.08
C ALA A 131 0.74 -22.20 -21.66
N GLU A 132 1.62 -21.21 -21.76
CA GLU A 132 2.94 -21.43 -22.35
C GLU A 132 3.79 -22.50 -21.69
N VAL A 133 3.53 -22.80 -20.42
CA VAL A 133 4.35 -23.80 -19.75
C VAL A 133 3.64 -25.04 -19.20
N MET A 134 2.48 -25.38 -19.76
CA MET A 134 1.75 -26.57 -19.32
C MET A 134 2.66 -27.78 -19.42
N GLN A 135 2.66 -28.60 -18.37
CA GLN A 135 3.52 -29.78 -18.32
C GLN A 135 2.73 -31.09 -18.46
N MET A 136 1.42 -31.03 -18.31
CA MET A 136 0.63 -32.25 -18.35
C MET A 136 0.33 -32.81 -19.75
N GLU A 137 -0.09 -34.08 -19.78
CA GLU A 137 -0.44 -34.72 -21.05
C GLU A 137 -1.69 -34.03 -21.57
N ARG A 138 -1.79 -33.89 -22.89
CA ARG A 138 -2.95 -33.27 -23.52
C ARG A 138 -3.45 -34.24 -24.60
N PRO A 139 -4.20 -35.27 -24.19
CA PRO A 139 -4.70 -36.24 -25.16
C PRO A 139 -5.72 -35.70 -26.17
N SER A 140 -5.67 -36.28 -27.36
CA SER A 140 -6.56 -35.93 -28.47
C SER A 140 -7.69 -36.96 -28.49
N PHE A 141 -8.87 -36.55 -28.90
CA PHE A 141 -10.02 -37.45 -28.93
C PHE A 141 -10.72 -37.29 -30.27
N LYS A 142 -11.20 -38.39 -30.83
CA LYS A 142 -11.87 -38.31 -32.12
C LYS A 142 -13.17 -39.08 -32.23
N VAL A 143 -13.98 -38.70 -33.21
CA VAL A 143 -15.21 -39.39 -33.51
C VAL A 143 -15.06 -39.87 -34.95
N ASP A 144 -15.76 -40.94 -35.29
CA ASP A 144 -15.75 -41.51 -36.63
C ASP A 144 -17.06 -42.27 -36.81
N ALA A 145 -17.17 -43.08 -37.86
CA ALA A 145 -18.42 -43.80 -38.08
C ALA A 145 -18.84 -44.74 -36.94
N SER A 146 -17.87 -45.35 -36.27
CA SER A 146 -18.16 -46.29 -35.19
C SER A 146 -18.40 -45.61 -33.83
N LYS A 147 -17.89 -44.38 -33.69
CA LYS A 147 -18.04 -43.61 -32.46
C LYS A 147 -18.42 -42.21 -32.92
N PRO A 148 -19.73 -41.96 -33.09
CA PRO A 148 -20.25 -40.67 -33.55
C PRO A 148 -20.37 -39.49 -32.60
N GLY A 149 -20.33 -38.29 -33.20
CA GLY A 149 -20.48 -37.04 -32.48
C GLY A 149 -21.21 -36.10 -33.41
N SER A 150 -22.50 -36.33 -33.61
CA SER A 150 -23.28 -35.49 -34.50
C SER A 150 -23.29 -34.01 -34.16
N ALA A 151 -23.51 -33.69 -32.89
CA ALA A 151 -23.54 -32.29 -32.49
C ALA A 151 -22.22 -31.59 -32.76
N VAL A 152 -21.11 -32.18 -32.31
CA VAL A 152 -19.84 -31.52 -32.51
C VAL A 152 -19.40 -31.49 -33.97
N CYS A 153 -19.75 -32.52 -34.74
CA CYS A 153 -19.39 -32.53 -36.15
C CYS A 153 -20.20 -31.49 -36.92
N ALA A 154 -21.49 -31.42 -36.63
CA ALA A 154 -22.37 -30.46 -37.30
C ALA A 154 -22.05 -29.03 -36.84
N SER A 155 -21.73 -28.86 -35.57
CA SER A 155 -21.39 -27.52 -35.07
C SER A 155 -20.14 -27.04 -35.82
N THR A 156 -19.20 -27.95 -36.04
CA THR A 156 -17.98 -27.58 -36.77
C THR A 156 -18.29 -27.31 -38.25
N ALA A 157 -19.17 -28.11 -38.83
CA ALA A 157 -19.57 -27.90 -40.21
C ALA A 157 -20.20 -26.50 -40.32
N ALA A 158 -21.01 -26.11 -39.34
CA ALA A 158 -21.64 -24.78 -39.36
C ALA A 158 -20.57 -23.70 -39.29
N SER A 159 -19.56 -23.90 -38.44
CA SER A 159 -18.47 -22.92 -38.36
C SER A 159 -17.76 -22.79 -39.70
N LEU A 160 -17.39 -23.92 -40.28
CA LEU A 160 -16.68 -23.92 -41.56
C LEU A 160 -17.51 -23.33 -42.71
N ALA A 161 -18.79 -23.68 -42.75
CA ALA A 161 -19.66 -23.18 -43.82
C ALA A 161 -19.93 -21.68 -43.66
N SER A 162 -20.13 -21.22 -42.42
CA SER A 162 -20.37 -19.79 -42.20
C SER A 162 -19.09 -19.03 -42.52
N ALA A 163 -17.93 -19.61 -42.20
CA ALA A 163 -16.67 -18.95 -42.53
C ALA A 163 -16.58 -18.84 -44.07
N ALA A 164 -16.99 -19.90 -44.77
CA ALA A 164 -16.93 -19.89 -46.23
C ALA A 164 -17.76 -18.73 -46.78
N VAL A 165 -18.94 -18.54 -46.21
CA VAL A 165 -19.80 -17.45 -46.66
C VAL A 165 -19.14 -16.08 -46.52
N VAL A 166 -18.52 -15.81 -45.36
CA VAL A 166 -17.92 -14.49 -45.16
C VAL A 166 -16.52 -14.29 -45.78
N PHE A 167 -15.85 -15.38 -46.16
CA PHE A 167 -14.53 -15.30 -46.79
C PHE A 167 -14.59 -15.41 -48.32
N LYS A 168 -15.72 -15.84 -48.86
CA LYS A 168 -15.82 -16.06 -50.29
C LYS A 168 -15.38 -14.90 -51.20
N SER A 169 -15.74 -13.68 -50.82
CA SER A 169 -15.41 -12.53 -51.64
C SER A 169 -13.93 -12.22 -51.73
N SER A 170 -13.24 -12.33 -50.61
CA SER A 170 -11.82 -12.01 -50.56
C SER A 170 -10.87 -13.19 -50.69
N ASP A 171 -11.35 -14.39 -50.38
CA ASP A 171 -10.50 -15.56 -50.44
C ASP A 171 -11.35 -16.75 -50.84
N PRO A 172 -11.79 -16.79 -52.11
CA PRO A 172 -12.63 -17.85 -52.64
C PRO A 172 -12.07 -19.26 -52.50
N THR A 173 -10.75 -19.37 -52.51
CA THR A 173 -10.11 -20.67 -52.35
C THR A 173 -10.26 -21.18 -50.91
N TYR A 174 -10.08 -20.30 -49.93
CA TYR A 174 -10.24 -20.71 -48.55
C TYR A 174 -11.71 -21.05 -48.32
N ALA A 175 -12.59 -20.31 -48.97
CA ALA A 175 -14.02 -20.56 -48.84
C ALA A 175 -14.30 -22.00 -49.31
N GLU A 176 -13.70 -22.37 -50.44
CA GLU A 176 -13.88 -23.72 -50.96
C GLU A 176 -13.27 -24.75 -50.02
N LYS A 177 -12.13 -24.42 -49.41
CA LYS A 177 -11.47 -25.34 -48.49
C LYS A 177 -12.43 -25.60 -47.31
N CYS A 178 -12.98 -24.53 -46.77
CA CYS A 178 -13.91 -24.64 -45.66
C CYS A 178 -15.13 -25.47 -46.02
N ILE A 179 -15.69 -25.22 -47.21
CA ILE A 179 -16.85 -25.98 -47.66
C ILE A 179 -16.55 -27.47 -47.78
N SER A 180 -15.37 -27.80 -48.32
CA SER A 180 -15.00 -29.20 -48.50
C SER A 180 -15.05 -29.95 -47.16
N HIS A 181 -14.44 -29.34 -46.14
CA HIS A 181 -14.42 -29.97 -44.83
C HIS A 181 -15.76 -29.92 -44.12
N ALA A 182 -16.51 -28.84 -44.33
CA ALA A 182 -17.84 -28.72 -43.72
C ALA A 182 -18.72 -29.85 -44.25
N LYS A 183 -18.61 -30.12 -45.54
CA LYS A 183 -19.40 -31.18 -46.16
C LYS A 183 -19.08 -32.54 -45.57
N ASN A 184 -17.79 -32.81 -45.34
CA ASN A 184 -17.44 -34.10 -44.79
C ASN A 184 -17.95 -34.27 -43.36
N LEU A 185 -17.79 -33.24 -42.54
CA LEU A 185 -18.23 -33.30 -41.15
C LEU A 185 -19.75 -33.38 -41.07
N PHE A 186 -20.45 -32.65 -41.91
CA PHE A 186 -21.91 -32.71 -41.88
C PHE A 186 -22.36 -34.12 -42.29
N ASP A 187 -21.74 -34.67 -43.32
CA ASP A 187 -22.10 -36.02 -43.76
C ASP A 187 -21.93 -36.98 -42.58
N MET A 188 -20.82 -36.84 -41.84
CA MET A 188 -20.60 -37.71 -40.69
C MET A 188 -21.75 -37.57 -39.70
N ALA A 189 -22.09 -36.32 -39.38
CA ALA A 189 -23.14 -36.02 -38.41
C ALA A 189 -24.52 -36.51 -38.81
N ASP A 190 -24.85 -36.29 -40.07
CA ASP A 190 -26.13 -36.65 -40.64
C ASP A 190 -26.29 -38.17 -40.75
N LYS A 191 -25.21 -38.86 -41.10
CA LYS A 191 -25.28 -40.31 -41.22
C LYS A 191 -25.49 -40.98 -39.87
N ALA A 192 -24.76 -40.48 -38.87
CA ALA A 192 -24.84 -41.08 -37.54
C ALA A 192 -26.04 -40.73 -36.66
N LYS A 193 -26.45 -39.47 -36.64
CA LYS A 193 -27.55 -39.02 -35.81
C LYS A 193 -27.39 -39.57 -34.39
N SER A 194 -26.23 -39.28 -33.81
CA SER A 194 -25.92 -39.76 -32.47
C SER A 194 -24.73 -39.02 -31.89
N ASP A 195 -24.76 -38.83 -30.57
CA ASP A 195 -23.66 -38.19 -29.86
C ASP A 195 -22.98 -39.25 -29.00
N ALA A 196 -23.33 -40.52 -29.21
CA ALA A 196 -22.76 -41.59 -28.39
C ALA A 196 -21.24 -41.74 -28.33
N GLY A 197 -20.54 -41.26 -29.34
CA GLY A 197 -19.08 -41.35 -29.32
C GLY A 197 -18.42 -40.08 -28.80
N TYR A 198 -19.23 -39.06 -28.54
CA TYR A 198 -18.74 -37.77 -28.06
C TYR A 198 -18.77 -37.84 -26.53
N THR A 199 -17.66 -38.31 -25.95
CA THR A 199 -17.61 -38.51 -24.51
C THR A 199 -16.51 -37.83 -23.73
N ALA A 200 -15.45 -37.39 -24.40
CA ALA A 200 -14.32 -36.78 -23.70
C ALA A 200 -14.63 -35.45 -23.05
N ALA A 201 -15.75 -34.84 -23.41
CA ALA A 201 -16.11 -33.56 -22.82
C ALA A 201 -17.11 -33.73 -21.67
N SER A 202 -17.32 -34.97 -21.24
CA SER A 202 -18.26 -35.27 -20.15
C SER A 202 -17.96 -34.43 -18.91
N GLY A 203 -19.00 -33.75 -18.42
CA GLY A 203 -18.85 -32.92 -17.26
C GLY A 203 -18.60 -31.47 -17.62
N TYR A 204 -18.23 -31.22 -18.87
CA TYR A 204 -17.95 -29.87 -19.33
C TYR A 204 -18.87 -29.44 -20.45
N TYR A 205 -18.83 -30.19 -21.55
CA TYR A 205 -19.68 -29.86 -22.68
C TYR A 205 -20.42 -31.05 -23.27
N SER A 206 -20.96 -31.91 -22.39
CA SER A 206 -21.73 -33.05 -22.86
C SER A 206 -22.90 -32.45 -23.65
N SER A 207 -23.26 -33.11 -24.74
CA SER A 207 -24.32 -32.63 -25.62
C SER A 207 -25.71 -33.17 -25.25
N SER A 208 -26.72 -32.29 -25.20
CA SER A 208 -28.08 -32.75 -24.89
C SER A 208 -28.95 -32.72 -26.14
N SER A 209 -28.36 -32.39 -27.29
CA SER A 209 -29.14 -32.33 -28.53
C SER A 209 -28.24 -32.23 -29.76
N PHE A 210 -28.66 -32.84 -30.86
CA PHE A 210 -27.87 -32.73 -32.08
C PHE A 210 -28.73 -32.41 -33.29
N TYR A 211 -30.06 -32.54 -33.18
CA TYR A 211 -30.89 -32.22 -34.34
C TYR A 211 -30.86 -30.71 -34.60
N ASP A 212 -30.67 -29.94 -33.55
CA ASP A 212 -30.55 -28.51 -33.69
C ASP A 212 -29.26 -28.20 -34.47
N ASP A 213 -28.18 -28.87 -34.11
CA ASP A 213 -26.91 -28.67 -34.80
C ASP A 213 -27.00 -29.12 -36.26
N LEU A 214 -27.76 -30.17 -36.53
CA LEU A 214 -27.91 -30.63 -37.91
C LEU A 214 -28.59 -29.54 -38.75
N SER A 215 -29.64 -28.93 -38.20
CA SER A 215 -30.37 -27.87 -38.92
C SER A 215 -29.49 -26.64 -39.12
N TRP A 216 -28.79 -26.25 -38.04
CA TRP A 216 -27.90 -25.09 -38.04
C TRP A 216 -26.81 -25.28 -39.11
N ALA A 217 -26.18 -26.45 -39.10
CA ALA A 217 -25.14 -26.74 -40.08
C ALA A 217 -25.70 -26.76 -41.50
N ALA A 218 -26.86 -27.38 -41.68
CA ALA A 218 -27.47 -27.48 -43.02
C ALA A 218 -27.82 -26.09 -43.57
N VAL A 219 -28.30 -25.21 -42.70
CA VAL A 219 -28.62 -23.85 -43.12
C VAL A 219 -27.35 -23.16 -43.62
N TRP A 220 -26.27 -23.27 -42.86
CA TRP A 220 -25.04 -22.63 -43.26
C TRP A 220 -24.44 -23.28 -44.49
N LEU A 221 -24.61 -24.59 -44.66
CA LEU A 221 -24.08 -25.22 -45.85
C LEU A 221 -24.92 -24.78 -47.06
N TYR A 222 -26.20 -24.50 -46.83
CA TYR A 222 -27.06 -24.03 -47.91
C TYR A 222 -26.57 -22.64 -48.34
N LEU A 223 -26.30 -21.77 -47.37
CA LEU A 223 -25.83 -20.42 -47.69
C LEU A 223 -24.45 -20.45 -48.35
N ALA A 224 -23.63 -21.43 -48.00
CA ALA A 224 -22.29 -21.52 -48.58
C ALA A 224 -22.25 -22.16 -49.98
N THR A 225 -23.13 -23.12 -50.21
CA THR A 225 -23.12 -23.85 -51.48
C THR A 225 -24.27 -23.58 -52.43
N ASN A 226 -25.37 -23.07 -51.89
CA ASN A 226 -26.58 -22.78 -52.66
C ASN A 226 -27.25 -24.04 -53.19
N ASP A 227 -26.87 -25.18 -52.60
CA ASP A 227 -27.43 -26.48 -52.96
C ASP A 227 -28.64 -26.71 -52.05
N SER A 228 -29.85 -26.63 -52.62
CA SER A 228 -31.07 -26.79 -51.83
C SER A 228 -31.17 -28.14 -51.11
N THR A 229 -30.29 -29.08 -51.46
CA THR A 229 -30.28 -30.37 -50.80
C THR A 229 -30.18 -30.10 -49.29
N TYR A 230 -29.36 -29.12 -48.92
CA TYR A 230 -29.13 -28.77 -47.52
C TYR A 230 -30.29 -28.04 -46.88
N LEU A 231 -30.98 -27.19 -47.65
CA LEU A 231 -32.12 -26.48 -47.09
C LEU A 231 -33.20 -27.50 -46.74
N ASP A 232 -33.41 -28.47 -47.63
CA ASP A 232 -34.42 -29.49 -47.37
C ASP A 232 -34.05 -30.25 -46.11
N LYS A 233 -32.78 -30.57 -45.96
CA LYS A 233 -32.36 -31.30 -44.75
C LYS A 233 -32.59 -30.45 -43.51
N ALA A 234 -32.22 -29.17 -43.58
CA ALA A 234 -32.38 -28.26 -42.44
C ALA A 234 -33.83 -28.29 -41.94
N GLU A 235 -34.77 -28.19 -42.87
CA GLU A 235 -36.17 -28.22 -42.49
C GLU A 235 -36.64 -29.59 -42.00
N SER A 236 -36.06 -30.66 -42.54
CA SER A 236 -36.47 -32.00 -42.16
C SER A 236 -36.23 -32.36 -40.69
N TYR A 237 -35.25 -31.69 -40.05
CA TYR A 237 -34.93 -32.00 -38.66
C TYR A 237 -35.81 -31.27 -37.64
N VAL A 238 -36.55 -30.26 -38.10
CA VAL A 238 -37.38 -29.47 -37.20
C VAL A 238 -38.34 -30.26 -36.30
N PRO A 239 -39.02 -31.28 -36.86
CA PRO A 239 -39.93 -32.07 -36.02
C PRO A 239 -39.19 -32.77 -34.89
N ASN A 240 -37.88 -32.96 -35.07
CA ASN A 240 -37.04 -33.64 -34.09
C ASN A 240 -36.43 -32.71 -33.03
N TRP A 241 -36.61 -31.41 -33.20
CA TRP A 241 -36.10 -30.48 -32.19
C TRP A 241 -36.92 -30.66 -30.92
N GLY A 242 -36.29 -30.36 -29.78
CA GLY A 242 -36.98 -30.49 -28.51
C GLY A 242 -38.18 -29.56 -28.44
N LYS A 243 -39.21 -30.01 -27.74
CA LYS A 243 -40.44 -29.22 -27.59
C LYS A 243 -40.58 -28.73 -26.16
N GLU A 244 -41.46 -27.75 -25.96
CA GLU A 244 -41.75 -27.26 -24.61
C GLU A 244 -42.53 -28.41 -23.96
N GLN A 245 -42.24 -28.68 -22.69
CA GLN A 245 -42.90 -29.79 -21.99
C GLN A 245 -44.42 -29.83 -22.13
N GLN A 246 -44.94 -31.03 -22.36
CA GLN A 246 -46.37 -31.28 -22.50
C GLN A 246 -47.08 -30.48 -23.58
N THR A 247 -46.28 -29.94 -24.50
N THR A 247 -46.30 -29.93 -24.50
CA THR A 247 -46.78 -29.17 -25.61
CA THR A 247 -46.84 -29.18 -25.62
C THR A 247 -46.11 -29.75 -26.84
C THR A 247 -46.14 -29.78 -26.83
N ASP A 248 -46.63 -29.46 -28.02
CA ASP A 248 -46.03 -29.96 -29.24
C ASP A 248 -45.43 -28.70 -29.86
N ILE A 249 -45.10 -27.74 -29.01
CA ILE A 249 -44.53 -26.45 -29.43
C ILE A 249 -43.01 -26.49 -29.39
N ILE A 250 -42.38 -26.00 -30.45
CA ILE A 250 -40.92 -25.95 -30.51
C ILE A 250 -40.44 -25.16 -29.29
N ALA A 251 -39.43 -25.69 -28.60
CA ALA A 251 -38.90 -25.02 -27.42
C ALA A 251 -38.64 -23.53 -27.64
N TYR A 252 -39.01 -22.72 -26.66
CA TYR A 252 -38.79 -21.29 -26.76
C TYR A 252 -38.35 -20.62 -25.46
N LYS A 253 -38.26 -21.36 -24.37
CA LYS A 253 -37.91 -20.77 -23.08
C LYS A 253 -36.42 -20.72 -22.70
N TRP A 254 -35.55 -21.07 -23.64
CA TRP A 254 -34.12 -21.00 -23.36
C TRP A 254 -33.55 -19.95 -24.32
N GLY A 255 -32.30 -20.11 -24.72
CA GLY A 255 -31.73 -19.16 -25.64
C GLY A 255 -30.64 -19.82 -26.44
N GLN A 256 -30.20 -19.11 -27.48
CA GLN A 256 -29.14 -19.60 -28.35
C GLN A 256 -27.89 -19.80 -27.51
N CYS A 257 -27.24 -20.95 -27.65
CA CYS A 257 -26.02 -21.22 -26.90
C CYS A 257 -25.29 -22.42 -27.50
N TRP A 258 -24.10 -22.72 -27.00
CA TRP A 258 -23.31 -23.82 -27.54
C TRP A 258 -24.02 -25.17 -27.60
N ASP A 259 -24.96 -25.41 -26.70
CA ASP A 259 -25.66 -26.70 -26.62
C ASP A 259 -26.98 -26.70 -27.36
N ASP A 260 -27.48 -25.50 -27.68
CA ASP A 260 -28.77 -25.38 -28.34
C ASP A 260 -28.72 -24.26 -29.36
N VAL A 261 -28.65 -24.64 -30.62
CA VAL A 261 -28.61 -23.67 -31.69
C VAL A 261 -29.88 -23.65 -32.54
N HIS A 262 -30.97 -24.24 -32.06
CA HIS A 262 -32.19 -24.21 -32.88
C HIS A 262 -32.76 -22.81 -32.99
N TYR A 263 -32.40 -21.95 -32.04
CA TYR A 263 -32.86 -20.58 -32.05
C TYR A 263 -32.28 -19.85 -33.26
N GLY A 264 -30.97 -19.99 -33.47
CA GLY A 264 -30.34 -19.37 -34.62
C GLY A 264 -30.81 -20.02 -35.92
N ALA A 265 -30.94 -21.34 -35.90
CA ALA A 265 -31.38 -22.04 -37.12
C ALA A 265 -32.78 -21.60 -37.55
N GLU A 266 -33.69 -21.45 -36.60
CA GLU A 266 -35.07 -21.09 -36.95
C GLU A 266 -35.14 -19.64 -37.38
N LEU A 267 -34.29 -18.79 -36.80
CA LEU A 267 -34.26 -17.38 -37.20
C LEU A 267 -33.82 -17.34 -38.66
N LEU A 268 -32.75 -18.06 -38.98
CA LEU A 268 -32.26 -18.08 -40.35
C LEU A 268 -33.26 -18.73 -41.31
N LEU A 269 -33.92 -19.81 -40.88
CA LEU A 269 -34.91 -20.47 -41.73
C LEU A 269 -36.09 -19.52 -41.97
N ALA A 270 -36.42 -18.69 -40.99
CA ALA A 270 -37.51 -17.75 -41.21
C ALA A 270 -37.09 -16.77 -42.33
N LYS A 271 -35.88 -16.24 -42.25
CA LYS A 271 -35.44 -15.29 -43.28
C LYS A 271 -35.29 -15.93 -44.65
N LEU A 272 -34.84 -17.18 -44.69
CA LEU A 272 -34.65 -17.87 -45.96
C LEU A 272 -35.92 -18.36 -46.64
N THR A 273 -36.91 -18.78 -45.86
CA THR A 273 -38.14 -19.35 -46.42
C THR A 273 -39.41 -18.55 -46.21
N ASN A 274 -39.38 -17.64 -45.24
CA ASN A 274 -40.52 -16.81 -44.86
C ASN A 274 -41.70 -17.66 -44.41
N LYS A 275 -41.44 -18.91 -44.04
CA LYS A 275 -42.51 -19.77 -43.56
C LYS A 275 -42.96 -19.33 -42.17
N GLN A 276 -44.26 -19.37 -41.94
CA GLN A 276 -44.82 -18.95 -40.67
C GLN A 276 -44.32 -19.74 -39.46
N LEU A 277 -44.09 -21.04 -39.65
CA LEU A 277 -43.63 -21.86 -38.54
C LEU A 277 -42.37 -21.29 -37.87
N TYR A 278 -41.39 -20.91 -38.69
CA TYR A 278 -40.15 -20.36 -38.16
C TYR A 278 -40.32 -18.97 -37.59
N LYS A 279 -41.13 -18.14 -38.24
CA LYS A 279 -41.35 -16.80 -37.74
C LYS A 279 -42.03 -16.87 -36.38
N ASP A 280 -43.03 -17.74 -36.28
CA ASP A 280 -43.75 -17.91 -35.01
C ASP A 280 -42.81 -18.42 -33.93
N SER A 281 -41.96 -19.36 -34.29
CA SER A 281 -41.04 -19.95 -33.31
C SER A 281 -40.02 -18.99 -32.75
N ILE A 282 -39.36 -18.21 -33.62
CA ILE A 282 -38.36 -17.28 -33.13
C ILE A 282 -39.01 -16.11 -32.38
N GLU A 283 -40.19 -15.66 -32.83
CA GLU A 283 -40.84 -14.56 -32.12
C GLU A 283 -41.35 -15.02 -30.75
N MET A 284 -41.69 -16.29 -30.62
CA MET A 284 -42.14 -16.80 -29.33
C MET A 284 -40.97 -16.73 -28.37
N ASN A 285 -39.79 -17.12 -28.85
CA ASN A 285 -38.59 -17.05 -28.03
C ASN A 285 -38.27 -15.59 -27.67
N LEU A 286 -38.19 -14.73 -28.66
CA LEU A 286 -37.87 -13.33 -28.42
C LEU A 286 -38.94 -12.67 -27.56
N ASP A 287 -40.19 -13.06 -27.72
CA ASP A 287 -41.26 -12.48 -26.91
C ASP A 287 -41.10 -12.91 -25.44
N PHE A 288 -40.84 -14.21 -25.24
CA PHE A 288 -40.63 -14.73 -23.89
C PHE A 288 -39.53 -13.91 -23.19
N TRP A 289 -38.52 -13.53 -23.95
CA TRP A 289 -37.39 -12.76 -23.41
C TRP A 289 -37.62 -11.27 -23.22
N THR A 290 -38.72 -10.74 -23.78
CA THR A 290 -38.99 -9.31 -23.69
C THR A 290 -40.33 -9.00 -23.02
N THR A 291 -41.40 -9.00 -23.80
CA THR A 291 -42.74 -8.70 -23.29
C THR A 291 -43.30 -9.84 -22.45
N GLY A 292 -42.86 -11.04 -22.80
CA GLY A 292 -43.36 -12.26 -22.18
C GLY A 292 -44.35 -12.78 -23.20
N VAL A 293 -44.77 -14.03 -23.06
CA VAL A 293 -45.74 -14.61 -23.98
C VAL A 293 -46.54 -15.71 -23.29
N ASN A 294 -47.83 -15.76 -23.58
CA ASN A 294 -48.72 -16.75 -22.97
C ASN A 294 -48.54 -16.87 -21.46
N GLY A 295 -48.45 -15.73 -20.78
CA GLY A 295 -48.30 -15.71 -19.35
C GLY A 295 -46.93 -16.11 -18.81
N THR A 296 -45.97 -16.34 -19.70
CA THR A 296 -44.63 -16.74 -19.30
C THR A 296 -43.61 -15.66 -19.72
N ARG A 297 -42.53 -15.53 -18.96
CA ARG A 297 -41.52 -14.55 -19.29
C ARG A 297 -40.23 -14.88 -18.55
N VAL A 298 -39.11 -14.67 -19.22
CA VAL A 298 -37.81 -14.92 -18.59
C VAL A 298 -37.71 -13.97 -17.38
N SER A 299 -37.01 -14.42 -16.33
N SER A 299 -37.00 -14.42 -16.35
CA SER A 299 -36.86 -13.58 -15.16
CA SER A 299 -36.83 -13.60 -15.16
C SER A 299 -36.02 -12.36 -15.49
C SER A 299 -36.02 -12.36 -15.52
N TYR A 300 -36.26 -11.27 -14.79
CA TYR A 300 -35.52 -10.03 -15.00
C TYR A 300 -35.02 -9.62 -13.63
N THR A 301 -33.79 -9.14 -13.57
CA THR A 301 -33.24 -8.69 -12.30
C THR A 301 -33.81 -7.31 -12.04
N PRO A 302 -33.73 -6.84 -10.78
CA PRO A 302 -34.26 -5.51 -10.50
C PRO A 302 -33.63 -4.42 -11.36
N LYS A 303 -32.36 -4.59 -11.73
CA LYS A 303 -31.67 -3.60 -12.56
C LYS A 303 -31.75 -3.81 -14.07
N GLY A 304 -32.65 -4.68 -14.50
CA GLY A 304 -32.89 -4.84 -15.93
C GLY A 304 -32.27 -5.96 -16.75
N LEU A 305 -31.57 -6.87 -16.10
CA LEU A 305 -30.94 -7.97 -16.83
C LEU A 305 -31.90 -9.13 -17.04
N ALA A 306 -32.09 -9.55 -18.30
CA ALA A 306 -32.93 -10.68 -18.60
C ALA A 306 -32.07 -11.85 -18.10
N TRP A 307 -32.53 -12.50 -17.03
CA TRP A 307 -31.75 -13.54 -16.36
C TRP A 307 -32.25 -14.96 -16.60
N LEU A 308 -31.46 -15.76 -17.30
CA LEU A 308 -31.88 -17.11 -17.65
C LEU A 308 -31.38 -18.23 -16.76
N PHE A 309 -30.15 -18.10 -16.29
CA PHE A 309 -29.52 -19.20 -15.57
C PHE A 309 -28.40 -18.64 -14.71
N GLN A 310 -28.04 -19.39 -13.65
CA GLN A 310 -26.99 -19.00 -12.73
C GLN A 310 -25.62 -18.84 -13.38
N TRP A 311 -25.32 -19.74 -14.33
CA TRP A 311 -24.03 -19.72 -15.02
C TRP A 311 -24.07 -18.92 -16.30
N GLY A 312 -23.17 -17.94 -16.43
CA GLY A 312 -23.11 -17.12 -17.62
C GLY A 312 -24.40 -16.41 -17.96
N SER A 313 -24.94 -15.66 -16.99
CA SER A 313 -26.18 -14.94 -17.21
C SER A 313 -26.00 -13.88 -18.29
N LEU A 314 -24.85 -13.21 -18.30
CA LEU A 314 -24.59 -12.18 -19.29
C LEU A 314 -24.42 -12.81 -20.67
N ARG A 315 -23.81 -13.99 -20.70
CA ARG A 315 -23.63 -14.73 -21.96
C ARG A 315 -24.99 -14.98 -22.63
N HIS A 316 -25.96 -15.43 -21.84
CA HIS A 316 -27.28 -15.70 -22.40
C HIS A 316 -28.01 -14.45 -22.84
N ALA A 317 -28.01 -13.43 -21.99
CA ALA A 317 -28.70 -12.19 -22.29
C ALA A 317 -28.13 -11.48 -23.53
N THR A 318 -26.81 -11.40 -23.61
CA THR A 318 -26.19 -10.72 -24.75
C THR A 318 -26.31 -11.52 -26.04
N THR A 319 -26.45 -12.83 -25.93
CA THR A 319 -26.60 -13.64 -27.15
C THR A 319 -28.02 -13.44 -27.68
N GLN A 320 -29.00 -13.41 -26.77
CA GLN A 320 -30.37 -13.19 -27.19
C GLN A 320 -30.48 -11.78 -27.74
N ALA A 321 -29.69 -10.85 -27.21
CA ALA A 321 -29.70 -9.47 -27.69
C ALA A 321 -29.31 -9.45 -29.16
N PHE A 322 -28.30 -10.24 -29.52
CA PHE A 322 -27.85 -10.33 -30.90
C PHE A 322 -28.97 -10.89 -31.79
N LEU A 323 -29.59 -12.00 -31.39
CA LEU A 323 -30.65 -12.58 -32.21
C LEU A 323 -31.81 -11.58 -32.37
N ALA A 324 -32.14 -10.87 -31.29
CA ALA A 324 -33.22 -9.89 -31.37
C ALA A 324 -32.86 -8.80 -32.39
N GLY A 325 -31.59 -8.38 -32.39
CA GLY A 325 -31.15 -7.34 -33.32
C GLY A 325 -31.24 -7.81 -34.75
N VAL A 326 -30.79 -9.03 -35.01
CA VAL A 326 -30.84 -9.57 -36.37
C VAL A 326 -32.28 -9.66 -36.85
N TYR A 327 -33.13 -10.28 -36.04
CA TYR A 327 -34.51 -10.46 -36.42
C TYR A 327 -35.28 -9.14 -36.58
N ALA A 328 -35.03 -8.18 -35.68
CA ALA A 328 -35.72 -6.88 -35.74
C ALA A 328 -35.46 -6.15 -37.06
N GLU A 329 -34.27 -6.39 -37.65
CA GLU A 329 -33.89 -5.75 -38.91
C GLU A 329 -34.50 -6.39 -40.13
N TRP A 330 -35.01 -7.61 -39.96
CA TRP A 330 -35.61 -8.33 -41.06
C TRP A 330 -37.03 -7.82 -41.36
N GLU A 331 -37.31 -7.60 -42.65
CA GLU A 331 -38.61 -7.11 -43.09
C GLU A 331 -39.77 -8.00 -42.64
N GLY A 332 -39.48 -9.27 -42.36
CA GLY A 332 -40.52 -10.18 -41.93
C GLY A 332 -40.94 -10.08 -40.47
N CYS A 333 -40.18 -9.34 -39.66
CA CYS A 333 -40.50 -9.20 -38.26
C CYS A 333 -41.81 -8.43 -38.08
N THR A 334 -42.66 -8.90 -37.18
CA THR A 334 -43.93 -8.22 -36.89
C THR A 334 -43.55 -6.76 -36.61
N PRO A 335 -44.11 -5.81 -37.38
CA PRO A 335 -43.76 -4.41 -37.17
C PRO A 335 -43.76 -3.85 -35.75
N SER A 336 -44.80 -4.17 -34.98
CA SER A 336 -44.91 -3.65 -33.63
C SER A 336 -43.81 -4.12 -32.68
N LYS A 337 -43.14 -5.21 -33.04
CA LYS A 337 -42.09 -5.77 -32.19
C LYS A 337 -40.69 -5.29 -32.52
N VAL A 338 -40.53 -4.65 -33.68
CA VAL A 338 -39.22 -4.17 -34.05
C VAL A 338 -38.62 -3.29 -32.94
N SER A 339 -39.37 -2.30 -32.47
N SER A 339 -39.38 -2.30 -32.47
CA SER A 339 -38.86 -1.42 -31.42
CA SER A 339 -38.89 -1.41 -31.42
C SER A 339 -38.63 -2.14 -30.10
C SER A 339 -38.64 -2.12 -30.10
N VAL A 340 -39.49 -3.10 -29.80
CA VAL A 340 -39.39 -3.87 -28.57
C VAL A 340 -38.08 -4.64 -28.57
N TYR A 341 -37.83 -5.34 -29.67
CA TYR A 341 -36.63 -6.13 -29.80
C TYR A 341 -35.37 -5.25 -29.83
N LYS A 342 -35.43 -4.11 -30.50
CA LYS A 342 -34.25 -3.23 -30.55
C LYS A 342 -33.99 -2.63 -29.17
N ASP A 343 -35.05 -2.33 -28.43
CA ASP A 343 -34.88 -1.77 -27.10
C ASP A 343 -34.20 -2.80 -26.20
N PHE A 344 -34.58 -4.06 -26.40
CA PHE A 344 -34.03 -5.19 -25.65
C PHE A 344 -32.54 -5.34 -25.94
N LEU A 345 -32.18 -5.27 -27.21
CA LEU A 345 -30.77 -5.37 -27.60
C LEU A 345 -29.97 -4.31 -26.86
N LYS A 346 -30.46 -3.07 -26.86
CA LYS A 346 -29.72 -2.00 -26.18
C LYS A 346 -29.68 -2.16 -24.67
N SER A 347 -30.81 -2.49 -24.06
N SER A 347 -30.82 -2.50 -24.08
CA SER A 347 -30.83 -2.63 -22.60
CA SER A 347 -30.90 -2.67 -22.64
C SER A 347 -29.88 -3.72 -22.10
C SER A 347 -29.90 -3.71 -22.13
N GLN A 348 -29.86 -4.86 -22.79
CA GLN A 348 -28.98 -5.94 -22.39
C GLN A 348 -27.51 -5.63 -22.61
N ILE A 349 -27.19 -5.04 -23.76
CA ILE A 349 -25.79 -4.69 -24.00
C ILE A 349 -25.36 -3.60 -23.02
N ASP A 350 -26.23 -2.63 -22.76
CA ASP A 350 -25.87 -1.55 -21.83
C ASP A 350 -25.67 -2.07 -20.42
N TYR A 351 -26.39 -3.10 -20.05
CA TYR A 351 -26.22 -3.67 -18.71
C TYR A 351 -24.81 -4.26 -18.65
N ALA A 352 -24.41 -4.96 -19.72
CA ALA A 352 -23.09 -5.55 -19.77
C ALA A 352 -21.99 -4.49 -19.75
N LEU A 353 -22.24 -3.36 -20.39
CA LEU A 353 -21.23 -2.31 -20.49
C LEU A 353 -21.15 -1.32 -19.34
N GLY A 354 -22.24 -1.15 -18.60
CA GLY A 354 -22.15 -0.23 -17.48
C GLY A 354 -23.39 0.45 -16.93
N SER A 355 -24.59 0.01 -17.35
CA SER A 355 -25.80 0.67 -16.86
C SER A 355 -26.03 0.53 -15.36
N THR A 356 -25.38 -0.44 -14.70
CA THR A 356 -25.54 -0.60 -13.25
C THR A 356 -24.50 0.26 -12.52
N GLY A 357 -23.61 0.92 -13.27
CA GLY A 357 -22.60 1.74 -12.64
C GLY A 357 -21.19 1.20 -12.81
N ARG A 358 -21.10 -0.05 -13.28
CA ARG A 358 -19.81 -0.65 -13.52
C ARG A 358 -19.90 -1.57 -14.74
N SER A 359 -18.75 -1.80 -15.39
CA SER A 359 -18.67 -2.65 -16.56
C SER A 359 -18.39 -4.10 -16.18
N PHE A 360 -18.92 -5.04 -16.97
CA PHE A 360 -18.70 -6.46 -16.75
C PHE A 360 -17.74 -6.96 -17.84
N VAL A 361 -17.11 -6.02 -18.53
CA VAL A 361 -16.16 -6.34 -19.60
C VAL A 361 -14.75 -5.99 -19.13
N VAL A 362 -13.89 -6.99 -19.06
CA VAL A 362 -12.50 -6.79 -18.64
C VAL A 362 -11.80 -5.73 -19.47
N GLY A 363 -11.13 -4.79 -18.79
CA GLY A 363 -10.39 -3.74 -19.49
C GLY A 363 -11.22 -2.74 -20.29
N TYR A 364 -12.47 -2.57 -19.88
CA TYR A 364 -13.37 -1.66 -20.56
C TYR A 364 -14.28 -0.95 -19.57
N GLY A 365 -14.51 0.33 -19.82
CA GLY A 365 -15.43 1.10 -19.00
C GLY A 365 -15.07 1.40 -17.57
N VAL A 366 -16.11 1.66 -16.79
CA VAL A 366 -15.98 2.01 -15.38
C VAL A 366 -15.90 0.80 -14.46
N ASN A 367 -14.88 0.78 -13.62
CA ASN A 367 -14.72 -0.30 -12.64
C ASN A 367 -14.92 -1.71 -13.21
N PRO A 368 -14.18 -2.05 -14.28
CA PRO A 368 -14.30 -3.37 -14.90
C PRO A 368 -13.77 -4.48 -13.98
N PRO A 369 -14.18 -5.74 -14.20
CA PRO A 369 -13.75 -6.87 -13.38
C PRO A 369 -12.23 -6.94 -13.36
N GLN A 370 -11.67 -7.26 -12.20
CA GLN A 370 -10.22 -7.32 -12.03
C GLN A 370 -9.72 -8.71 -11.77
N HIS A 371 -10.62 -9.61 -11.42
CA HIS A 371 -10.19 -10.95 -11.08
C HIS A 371 -10.92 -12.07 -11.81
N PRO A 372 -11.02 -11.98 -13.16
CA PRO A 372 -11.71 -13.08 -13.85
C PRO A 372 -11.03 -14.42 -13.64
N HIS A 373 -11.82 -15.48 -13.59
CA HIS A 373 -11.28 -16.83 -13.41
C HIS A 373 -10.60 -17.22 -14.72
N HIS A 374 -9.31 -16.93 -14.83
CA HIS A 374 -8.55 -17.20 -16.05
C HIS A 374 -7.09 -17.38 -15.67
N ARG A 375 -6.57 -18.58 -15.95
CA ARG A 375 -5.19 -18.93 -15.62
C ARG A 375 -4.11 -18.08 -16.24
N THR A 376 -4.14 -17.91 -17.55
CA THR A 376 -3.07 -17.17 -18.21
C THR A 376 -3.10 -15.66 -17.97
N ALA A 377 -4.30 -15.07 -17.84
CA ALA A 377 -4.38 -13.64 -17.59
C ALA A 377 -3.90 -13.34 -16.17
N HIS A 378 -4.20 -14.24 -15.23
CA HIS A 378 -3.78 -14.08 -13.85
C HIS A 378 -2.26 -14.20 -13.82
N GLY A 379 -1.75 -15.29 -14.38
CA GLY A 379 -0.32 -15.49 -14.44
C GLY A 379 0.39 -15.87 -13.16
N SER A 380 -0.16 -16.83 -12.44
CA SER A 380 0.51 -17.30 -11.23
C SER A 380 1.76 -18.05 -11.67
N TRP A 381 2.84 -17.99 -10.88
CA TRP A 381 4.04 -18.75 -11.22
C TRP A 381 4.29 -19.80 -10.15
N THR A 382 3.33 -19.96 -9.25
CA THR A 382 3.45 -20.91 -8.15
C THR A 382 2.30 -21.92 -8.06
N ASP A 383 1.52 -22.06 -9.12
CA ASP A 383 0.38 -22.97 -9.13
C ASP A 383 -0.56 -22.61 -7.97
N GLN A 384 -0.85 -21.33 -7.85
CA GLN A 384 -1.73 -20.82 -6.80
C GLN A 384 -2.67 -19.76 -7.33
N MET A 385 -3.97 -20.01 -7.19
CA MET A 385 -4.98 -19.05 -7.64
C MET A 385 -4.89 -17.77 -6.80
N THR A 386 -4.34 -17.91 -5.60
CA THR A 386 -4.24 -16.79 -4.66
C THR A 386 -2.97 -15.94 -4.76
N SER A 387 -2.04 -16.34 -5.61
CA SER A 387 -0.78 -15.61 -5.74
C SER A 387 -0.30 -15.50 -7.19
N PRO A 388 -0.05 -14.27 -7.68
CA PRO A 388 -0.16 -13.00 -6.96
C PRO A 388 -1.62 -12.66 -6.63
N THR A 389 -1.83 -11.61 -5.84
CA THR A 389 -3.18 -11.21 -5.44
C THR A 389 -3.90 -10.33 -6.45
N TYR A 390 -3.31 -10.19 -7.63
CA TYR A 390 -3.89 -9.39 -8.70
C TYR A 390 -3.54 -10.06 -10.01
N HIS A 391 -4.25 -9.73 -11.09
CA HIS A 391 -3.95 -10.33 -12.39
C HIS A 391 -2.79 -9.61 -13.05
N ARG A 392 -1.81 -10.38 -13.49
CA ARG A 392 -0.66 -9.76 -14.12
C ARG A 392 -0.98 -9.20 -15.50
N HIS A 393 -2.04 -9.68 -16.13
CA HIS A 393 -2.41 -9.20 -17.47
C HIS A 393 -3.86 -8.78 -17.54
N THR A 394 -4.17 -7.94 -18.52
CA THR A 394 -5.52 -7.45 -18.74
C THR A 394 -6.01 -8.14 -20.00
N ILE A 395 -6.95 -9.07 -19.82
CA ILE A 395 -7.50 -9.80 -20.96
C ILE A 395 -8.70 -9.01 -21.52
N TYR A 396 -8.36 -7.94 -22.24
CA TYR A 396 -9.34 -7.04 -22.84
C TYR A 396 -10.52 -7.67 -23.55
N GLY A 397 -11.70 -7.11 -23.31
CA GLY A 397 -12.90 -7.57 -24.01
C GLY A 397 -13.69 -8.73 -23.42
N ALA A 398 -13.07 -9.50 -22.53
CA ALA A 398 -13.74 -10.64 -21.91
C ALA A 398 -14.97 -10.27 -21.11
N LEU A 399 -16.10 -10.87 -21.45
CA LEU A 399 -17.35 -10.63 -20.74
C LEU A 399 -17.46 -11.69 -19.62
N VAL A 400 -17.49 -11.25 -18.36
CA VAL A 400 -17.59 -12.22 -17.26
C VAL A 400 -18.97 -12.89 -17.19
N GLY A 401 -19.03 -14.01 -16.48
CA GLY A 401 -20.28 -14.78 -16.35
C GLY A 401 -21.49 -13.89 -16.11
N GLY A 402 -21.43 -13.09 -15.06
CA GLY A 402 -22.56 -12.21 -14.79
C GLY A 402 -23.13 -12.42 -13.40
N PRO A 403 -23.99 -11.49 -12.96
CA PRO A 403 -24.63 -11.52 -11.64
C PRO A 403 -25.70 -12.58 -11.46
N ASP A 404 -26.15 -12.71 -10.21
CA ASP A 404 -27.22 -13.64 -9.89
C ASP A 404 -28.53 -12.94 -10.19
N ASN A 405 -29.64 -13.59 -9.87
CA ASN A 405 -30.98 -13.08 -10.16
C ASN A 405 -31.34 -11.77 -9.45
N ALA A 406 -30.51 -11.35 -8.50
CA ALA A 406 -30.75 -10.12 -7.77
C ALA A 406 -29.63 -9.10 -8.02
N ASP A 407 -28.92 -9.28 -9.13
CA ASP A 407 -27.83 -8.38 -9.51
C ASP A 407 -26.57 -8.52 -8.66
N GLY A 408 -26.56 -9.55 -7.82
CA GLY A 408 -25.39 -9.79 -6.98
C GLY A 408 -24.22 -10.27 -7.83
N TYR A 409 -23.03 -9.76 -7.54
CA TYR A 409 -21.84 -10.13 -8.29
C TYR A 409 -20.60 -9.94 -7.43
N THR A 410 -19.74 -10.95 -7.39
CA THR A 410 -18.52 -10.88 -6.61
C THR A 410 -17.34 -11.13 -7.53
N ASP A 411 -16.55 -10.09 -7.78
CA ASP A 411 -15.39 -10.18 -8.64
C ASP A 411 -14.22 -10.81 -7.89
N GLU A 412 -14.19 -12.13 -7.89
CA GLU A 412 -13.15 -12.89 -7.21
C GLU A 412 -12.68 -13.97 -8.18
N ILE A 413 -11.39 -14.28 -8.13
CA ILE A 413 -10.82 -15.27 -9.03
C ILE A 413 -11.39 -16.68 -8.87
N ASN A 414 -11.79 -17.05 -7.66
CA ASN A 414 -12.30 -18.40 -7.43
C ASN A 414 -13.77 -18.61 -7.81
N ASN A 415 -14.45 -17.51 -8.13
CA ASN A 415 -15.86 -17.56 -8.50
C ASN A 415 -16.03 -17.90 -9.98
N TYR A 416 -15.92 -19.18 -10.33
CA TYR A 416 -16.04 -19.55 -11.73
C TYR A 416 -17.49 -19.64 -12.23
N VAL A 417 -18.44 -19.64 -11.32
CA VAL A 417 -19.85 -19.68 -11.73
C VAL A 417 -20.28 -18.34 -12.31
N ASN A 418 -19.89 -17.26 -11.62
CA ASN A 418 -20.27 -15.92 -12.07
C ASN A 418 -19.12 -15.04 -12.58
N ASN A 419 -17.88 -15.50 -12.39
CA ASN A 419 -16.75 -14.69 -12.83
C ASN A 419 -15.77 -15.38 -13.77
N GLU A 420 -16.20 -16.41 -14.48
CA GLU A 420 -15.26 -17.00 -15.43
C GLU A 420 -15.51 -16.27 -16.75
N ILE A 421 -14.61 -16.45 -17.71
CA ILE A 421 -14.75 -15.84 -19.02
C ILE A 421 -14.52 -16.98 -20.01
N ALA A 422 -15.18 -16.92 -21.16
CA ALA A 422 -15.06 -18.03 -22.12
C ALA A 422 -15.41 -17.64 -23.55
N CYS A 423 -14.96 -18.46 -24.51
CA CYS A 423 -15.24 -18.19 -25.91
C CYS A 423 -16.72 -17.97 -26.19
N ASP A 424 -17.56 -18.90 -25.76
CA ASP A 424 -18.99 -18.76 -26.04
C ASP A 424 -19.62 -17.55 -25.36
N TYR A 425 -19.03 -17.09 -24.26
CA TYR A 425 -19.59 -15.93 -23.57
C TYR A 425 -19.49 -14.67 -24.43
N ASN A 426 -18.42 -14.55 -25.21
CA ASN A 426 -18.23 -13.38 -26.04
C ASN A 426 -18.77 -13.50 -27.47
N ALA A 427 -19.25 -14.68 -27.84
CA ALA A 427 -19.70 -14.91 -29.21
C ALA A 427 -20.88 -14.05 -29.67
N GLY A 428 -22.06 -14.27 -29.08
CA GLY A 428 -23.21 -13.48 -29.45
C GLY A 428 -23.02 -12.02 -29.06
N PHE A 429 -22.32 -11.82 -27.97
CA PHE A 429 -22.03 -10.48 -27.44
C PHE A 429 -21.37 -9.64 -28.54
N THR A 430 -20.38 -10.22 -29.20
CA THR A 430 -19.66 -9.51 -30.26
C THR A 430 -20.62 -9.06 -31.34
N GLY A 431 -21.55 -9.92 -31.73
CA GLY A 431 -22.52 -9.57 -32.77
C GLY A 431 -23.48 -8.47 -32.34
N ALA A 432 -23.88 -8.50 -31.08
CA ALA A 432 -24.79 -7.48 -30.56
C ALA A 432 -24.04 -6.14 -30.49
N LEU A 433 -22.76 -6.20 -30.18
CA LEU A 433 -21.96 -4.97 -30.08
C LEU A 433 -21.83 -4.35 -31.47
N ALA A 434 -21.65 -5.18 -32.49
CA ALA A 434 -21.52 -4.67 -33.84
C ALA A 434 -22.79 -3.90 -34.21
N LYS A 435 -23.94 -4.43 -33.77
CA LYS A 435 -25.21 -3.77 -34.07
C LYS A 435 -25.36 -2.47 -33.30
N MET A 436 -24.94 -2.44 -32.03
CA MET A 436 -25.06 -1.20 -31.28
C MET A 436 -24.11 -0.16 -31.86
N TYR A 437 -22.94 -0.59 -32.30
CA TYR A 437 -21.98 0.34 -32.91
C TYR A 437 -22.59 0.97 -34.16
N LYS A 438 -23.21 0.14 -34.98
CA LYS A 438 -23.84 0.60 -36.21
C LYS A 438 -24.91 1.66 -35.92
N HIS A 439 -25.63 1.47 -34.81
CA HIS A 439 -26.70 2.40 -34.46
C HIS A 439 -26.28 3.62 -33.66
N SER A 440 -25.40 3.43 -32.66
CA SER A 440 -24.99 4.54 -31.80
C SER A 440 -23.52 4.98 -31.83
N GLY A 441 -22.68 4.23 -32.53
CA GLY A 441 -21.28 4.61 -32.61
C GLY A 441 -20.41 4.39 -31.37
N GLY A 442 -19.35 5.18 -31.32
CA GLY A 442 -18.35 5.10 -30.27
C GLY A 442 -17.13 4.65 -31.04
N ASP A 443 -16.12 5.51 -31.15
CA ASP A 443 -14.92 5.18 -31.91
C ASP A 443 -13.96 4.21 -31.23
N PRO A 444 -13.50 3.19 -31.95
CA PRO A 444 -12.57 2.29 -31.28
C PRO A 444 -11.25 3.04 -31.06
N ILE A 445 -10.38 2.48 -30.23
CA ILE A 445 -9.08 3.08 -29.96
C ILE A 445 -8.21 2.83 -31.21
N PRO A 446 -7.64 3.90 -31.78
CA PRO A 446 -6.82 3.65 -32.98
C PRO A 446 -5.55 2.87 -32.69
N ASN A 447 -5.20 1.97 -33.61
CA ASN A 447 -3.98 1.16 -33.49
C ASN A 447 -3.86 0.54 -32.10
N PHE A 448 -4.95 -0.03 -31.62
CA PHE A 448 -4.95 -0.62 -30.28
C PHE A 448 -4.12 -1.90 -30.17
N LYS A 449 -3.29 -1.94 -29.14
CA LYS A 449 -2.46 -3.12 -28.87
C LYS A 449 -2.44 -3.40 -27.37
N ALA A 450 -1.97 -4.57 -27.00
CA ALA A 450 -1.90 -4.95 -25.60
C ALA A 450 -0.45 -5.24 -25.20
N ILE A 451 0.43 -4.28 -25.47
CA ILE A 451 1.84 -4.42 -25.10
C ILE A 451 1.91 -3.86 -23.69
N GLU A 452 2.00 -4.75 -22.72
CA GLU A 452 2.03 -4.36 -21.32
C GLU A 452 3.40 -4.04 -20.75
N LYS A 453 3.39 -3.17 -19.75
CA LYS A 453 4.61 -2.82 -19.06
C LYS A 453 4.89 -4.03 -18.16
N ILE A 454 6.15 -4.41 -18.04
CA ILE A 454 6.52 -5.54 -17.18
C ILE A 454 6.37 -5.04 -15.76
N THR A 455 5.48 -5.64 -14.98
CA THR A 455 5.23 -5.19 -13.62
C THR A 455 5.95 -5.88 -12.47
N ASN A 456 6.72 -6.93 -12.75
CA ASN A 456 7.51 -7.57 -11.71
C ASN A 456 8.76 -8.11 -12.37
N ASP A 457 9.88 -8.10 -11.66
CA ASP A 457 11.11 -8.62 -12.23
C ASP A 457 10.85 -10.08 -12.60
N GLU A 458 11.07 -10.42 -13.87
CA GLU A 458 10.78 -11.77 -14.35
C GLU A 458 11.64 -12.89 -13.82
N VAL A 459 12.89 -12.58 -13.50
CA VAL A 459 13.76 -13.60 -12.94
C VAL A 459 14.56 -12.90 -11.85
N ILE A 460 14.47 -13.42 -10.63
CA ILE A 460 15.17 -12.80 -9.51
C ILE A 460 15.98 -13.82 -8.75
N ILE A 461 16.72 -13.33 -7.77
CA ILE A 461 17.51 -14.23 -6.95
C ILE A 461 17.43 -13.72 -5.52
N LYS A 462 17.35 -14.66 -4.59
CA LYS A 462 17.32 -14.32 -3.18
C LYS A 462 18.51 -15.06 -2.58
N ALA A 463 19.14 -14.47 -1.59
CA ALA A 463 20.29 -15.13 -0.98
C ALA A 463 20.39 -14.78 0.50
N GLY A 464 21.22 -15.55 1.20
CA GLY A 464 21.45 -15.34 2.62
C GLY A 464 22.73 -16.04 3.01
N LEU A 465 23.25 -15.73 4.20
CA LEU A 465 24.48 -16.36 4.67
C LEU A 465 24.14 -17.73 5.26
N ASN A 466 24.54 -18.79 4.56
CA ASN A 466 24.25 -20.15 5.02
C ASN A 466 25.16 -20.52 6.18
N SER A 467 26.45 -20.57 5.88
CA SER A 467 27.46 -20.91 6.89
C SER A 467 28.64 -19.95 6.73
N THR A 468 29.39 -19.73 7.79
CA THR A 468 30.52 -18.82 7.72
C THR A 468 31.68 -19.27 8.61
N GLY A 469 32.85 -18.67 8.40
CA GLY A 469 34.01 -19.01 9.20
C GLY A 469 35.19 -18.08 8.93
N PRO A 470 36.25 -18.14 9.75
CA PRO A 470 37.42 -17.28 9.56
C PRO A 470 38.13 -17.46 8.21
N ASN A 471 37.81 -18.54 7.50
CA ASN A 471 38.44 -18.81 6.22
C ASN A 471 37.44 -19.09 5.10
N TYR A 472 36.16 -18.77 5.31
CA TYR A 472 35.18 -19.05 4.26
C TYR A 472 33.84 -18.35 4.42
N THR A 473 33.09 -18.33 3.32
CA THR A 473 31.75 -17.76 3.27
C THR A 473 30.90 -18.81 2.55
N GLU A 474 29.73 -19.14 3.10
CA GLU A 474 28.85 -20.10 2.42
C GLU A 474 27.53 -19.40 2.17
N ILE A 475 27.14 -19.39 0.90
CA ILE A 475 25.93 -18.73 0.46
C ILE A 475 24.79 -19.68 0.14
N LYS A 476 23.58 -19.28 0.49
CA LYS A 476 22.40 -20.05 0.14
C LYS A 476 21.71 -19.10 -0.82
N ALA A 477 21.54 -19.52 -2.07
CA ALA A 477 20.90 -18.68 -3.07
C ALA A 477 19.74 -19.41 -3.72
N VAL A 478 18.69 -18.67 -4.03
CA VAL A 478 17.53 -19.26 -4.69
C VAL A 478 17.10 -18.39 -5.86
N VAL A 479 17.13 -18.95 -7.06
CA VAL A 479 16.70 -18.24 -8.27
C VAL A 479 15.22 -18.53 -8.46
N TYR A 480 14.46 -17.52 -8.85
CA TYR A 480 13.02 -17.68 -9.08
C TYR A 480 12.62 -17.20 -10.46
N ASN A 481 11.84 -18.03 -11.16
CA ASN A 481 11.32 -17.71 -12.48
C ASN A 481 9.93 -17.15 -12.20
N GLN A 482 9.76 -15.84 -12.43
CA GLN A 482 8.48 -15.16 -12.21
C GLN A 482 8.11 -14.54 -13.56
N THR A 483 8.44 -15.23 -14.65
CA THR A 483 8.17 -14.70 -16.00
C THR A 483 6.69 -14.59 -16.31
N GLY A 484 6.35 -13.58 -17.13
CA GLY A 484 4.97 -13.35 -17.50
C GLY A 484 4.77 -12.63 -18.83
N TRP A 485 5.84 -12.15 -19.45
CA TRP A 485 5.73 -11.42 -20.72
C TRP A 485 6.67 -11.94 -21.79
N PRO A 486 6.47 -13.19 -22.24
CA PRO A 486 5.42 -14.10 -21.77
C PRO A 486 5.96 -15.05 -20.73
N ALA A 487 5.06 -15.81 -20.11
CA ALA A 487 5.48 -16.83 -19.15
C ALA A 487 6.33 -17.75 -20.01
N ARG A 488 7.43 -18.25 -19.45
CA ARG A 488 8.31 -19.11 -20.24
C ARG A 488 9.28 -19.91 -19.39
N VAL A 489 9.76 -21.01 -19.98
CA VAL A 489 10.75 -21.83 -19.33
C VAL A 489 12.04 -21.03 -19.44
N THR A 490 12.83 -21.02 -18.37
CA THR A 490 14.13 -20.33 -18.38
C THR A 490 15.16 -21.42 -18.13
N ASP A 491 15.67 -21.99 -19.22
CA ASP A 491 16.63 -23.07 -19.15
C ASP A 491 18.06 -22.65 -19.45
N LYS A 492 18.33 -21.34 -19.43
CA LYS A 492 19.68 -20.84 -19.70
C LYS A 492 20.09 -19.80 -18.68
N ILE A 493 19.66 -19.99 -17.44
CA ILE A 493 19.95 -19.06 -16.35
C ILE A 493 21.22 -19.39 -15.59
N SER A 494 21.92 -18.35 -15.16
CA SER A 494 23.15 -18.48 -14.38
C SER A 494 23.23 -17.22 -13.51
N PHE A 495 24.10 -17.26 -12.51
CA PHE A 495 24.30 -16.08 -11.68
C PHE A 495 25.76 -16.05 -11.24
N LYS A 496 26.23 -14.88 -10.82
CA LYS A 496 27.64 -14.75 -10.46
C LYS A 496 27.81 -14.13 -9.09
N TYR A 497 28.73 -14.68 -8.30
CA TYR A 497 29.01 -14.18 -6.96
C TYR A 497 30.40 -13.57 -7.00
N PHE A 498 30.46 -12.25 -6.81
CA PHE A 498 31.69 -11.49 -6.87
C PHE A 498 32.39 -11.25 -5.53
N MET A 499 33.72 -11.38 -5.58
CA MET A 499 34.58 -11.20 -4.41
C MET A 499 35.79 -10.34 -4.77
N ASP A 500 36.34 -9.66 -3.77
CA ASP A 500 37.57 -8.89 -3.95
C ASP A 500 38.56 -9.81 -3.22
N LEU A 501 39.53 -10.35 -3.92
CA LEU A 501 40.48 -11.26 -3.26
C LEU A 501 41.86 -10.65 -3.07
N SER A 502 41.90 -9.34 -2.89
CA SER A 502 43.19 -8.67 -2.69
C SER A 502 43.90 -9.26 -1.47
N GLU A 503 43.14 -9.68 -0.46
CA GLU A 503 43.76 -10.23 0.74
C GLU A 503 44.39 -11.59 0.49
N ILE A 504 43.91 -12.29 -0.54
CA ILE A 504 44.45 -13.60 -0.88
C ILE A 504 45.78 -13.36 -1.58
N VAL A 505 45.80 -12.43 -2.52
CA VAL A 505 47.03 -12.09 -3.24
C VAL A 505 48.09 -11.66 -2.23
N ALA A 506 47.67 -10.88 -1.25
CA ALA A 506 48.57 -10.38 -0.21
C ALA A 506 49.12 -11.50 0.69
N ALA A 507 48.39 -12.61 0.80
CA ALA A 507 48.82 -13.73 1.62
C ALA A 507 49.77 -14.62 0.85
N GLY A 508 49.99 -14.28 -0.43
CA GLY A 508 50.88 -15.07 -1.27
C GLY A 508 50.20 -16.34 -1.74
N ILE A 509 48.88 -16.28 -1.86
CA ILE A 509 48.09 -17.42 -2.32
C ILE A 509 47.42 -17.11 -3.65
N ASP A 510 47.29 -18.12 -4.51
CA ASP A 510 46.65 -17.93 -5.81
C ASP A 510 45.15 -17.89 -5.60
N PRO A 511 44.50 -16.77 -5.95
CA PRO A 511 43.05 -16.68 -5.78
C PRO A 511 42.34 -17.83 -6.49
N LEU A 512 42.92 -18.29 -7.58
CA LEU A 512 42.30 -19.38 -8.35
C LEU A 512 42.40 -20.73 -7.65
N SER A 513 43.18 -20.80 -6.58
CA SER A 513 43.36 -22.05 -5.83
C SER A 513 42.36 -22.21 -4.69
N LEU A 514 41.56 -21.18 -4.42
CA LEU A 514 40.59 -21.28 -3.35
C LEU A 514 39.62 -22.41 -3.69
N VAL A 515 39.07 -23.05 -2.67
CA VAL A 515 38.17 -24.16 -2.90
C VAL A 515 36.70 -23.76 -2.88
N THR A 516 35.98 -24.03 -3.97
CA THR A 516 34.56 -23.73 -4.01
C THR A 516 33.88 -25.09 -3.89
N SER A 517 32.69 -25.12 -3.30
CA SER A 517 31.97 -26.37 -3.13
C SER A 517 30.51 -26.11 -2.90
N SER A 518 29.71 -27.17 -2.99
CA SER A 518 28.27 -27.06 -2.77
C SER A 518 27.78 -28.29 -2.02
N ASN A 519 27.18 -28.09 -0.85
CA ASN A 519 26.67 -29.22 -0.07
C ASN A 519 25.18 -29.47 -0.36
N TYR A 520 24.54 -28.56 -1.10
CA TYR A 520 23.13 -28.72 -1.44
C TYR A 520 22.72 -27.86 -2.63
N SER A 521 21.78 -28.39 -3.42
CA SER A 521 21.28 -27.66 -4.56
C SER A 521 20.12 -28.40 -5.20
N GLU A 522 19.07 -27.66 -5.53
CA GLU A 522 17.93 -28.24 -6.22
C GLU A 522 18.35 -28.22 -7.69
N GLY A 523 17.86 -29.17 -8.46
CA GLY A 523 18.22 -29.22 -9.86
C GLY A 523 19.46 -30.06 -10.06
N LYS A 524 19.35 -31.06 -10.92
CA LYS A 524 20.45 -31.98 -11.20
C LYS A 524 21.54 -31.36 -12.07
N ASN A 525 21.22 -30.29 -12.80
CA ASN A 525 22.20 -29.63 -13.67
C ASN A 525 22.98 -28.49 -13.03
N THR A 526 22.65 -28.14 -11.79
CA THR A 526 23.32 -27.04 -11.09
C THR A 526 24.84 -27.22 -11.00
N LYS A 527 25.59 -26.32 -11.64
CA LYS A 527 27.04 -26.40 -11.62
C LYS A 527 27.72 -25.15 -11.04
N VAL A 528 28.48 -25.34 -9.97
CA VAL A 528 29.20 -24.25 -9.32
C VAL A 528 30.67 -24.33 -9.74
N SER A 529 31.17 -23.25 -10.36
CA SER A 529 32.55 -23.20 -10.81
C SER A 529 33.54 -22.93 -9.70
N GLY A 530 34.83 -23.00 -10.04
CA GLY A 530 35.88 -22.67 -9.09
C GLY A 530 35.99 -21.17 -9.21
N VAL A 531 36.95 -20.57 -8.52
CA VAL A 531 37.11 -19.12 -8.61
C VAL A 531 37.63 -18.71 -9.99
N LEU A 532 36.95 -17.75 -10.61
CA LEU A 532 37.34 -17.26 -11.94
C LEU A 532 37.68 -15.77 -11.88
N PRO A 533 38.59 -15.32 -12.74
CA PRO A 533 38.94 -13.89 -12.74
C PRO A 533 37.83 -13.09 -13.41
N TRP A 534 37.61 -11.85 -12.94
CA TRP A 534 36.59 -10.99 -13.53
C TRP A 534 37.23 -9.65 -13.88
N ASP A 535 37.85 -9.02 -12.88
CA ASP A 535 38.55 -7.77 -13.09
C ASP A 535 39.72 -7.80 -12.11
N VAL A 536 40.76 -8.55 -12.50
CA VAL A 536 41.94 -8.73 -11.66
C VAL A 536 42.67 -7.43 -11.31
N SER A 537 42.55 -6.41 -12.14
CA SER A 537 43.19 -5.12 -11.84
C SER A 537 42.68 -4.60 -10.51
N ASN A 538 41.47 -4.99 -10.15
CA ASN A 538 40.88 -4.58 -8.90
C ASN A 538 40.66 -5.80 -7.99
N ASN A 539 41.36 -6.87 -8.30
CA ASN A 539 41.30 -8.12 -7.54
C ASN A 539 39.90 -8.69 -7.45
N VAL A 540 39.10 -8.50 -8.49
CA VAL A 540 37.75 -9.01 -8.49
C VAL A 540 37.69 -10.34 -9.20
N TYR A 541 37.20 -11.35 -8.49
CA TYR A 541 37.04 -12.70 -9.03
C TYR A 541 35.58 -13.08 -8.79
N TYR A 542 35.14 -14.19 -9.36
CA TYR A 542 33.76 -14.60 -9.12
C TYR A 542 33.55 -16.10 -9.20
N VAL A 543 32.39 -16.52 -8.74
CA VAL A 543 32.01 -17.92 -8.84
C VAL A 543 30.83 -17.90 -9.79
N ASN A 544 30.88 -18.73 -10.82
CA ASN A 544 29.80 -18.79 -11.79
C ASN A 544 28.94 -19.99 -11.43
N VAL A 545 27.63 -19.76 -11.31
CA VAL A 545 26.71 -20.84 -10.99
C VAL A 545 25.81 -20.91 -12.20
N ASP A 546 25.91 -22.03 -12.91
CA ASP A 546 25.16 -22.25 -14.13
C ASP A 546 23.99 -23.17 -13.91
N LEU A 547 22.81 -22.71 -14.33
CA LEU A 547 21.59 -23.51 -14.19
C LEU A 547 21.08 -23.91 -15.56
N THR A 548 21.94 -23.78 -16.57
CA THR A 548 21.54 -24.15 -17.93
C THR A 548 21.08 -25.60 -17.97
N GLY A 549 19.99 -25.85 -18.68
CA GLY A 549 19.46 -27.20 -18.79
C GLY A 549 18.33 -27.46 -17.82
N GLU A 550 18.25 -26.68 -16.74
CA GLU A 550 17.19 -26.83 -15.74
C GLU A 550 15.85 -26.37 -16.30
N ASN A 551 14.82 -27.19 -16.12
CA ASN A 551 13.49 -26.86 -16.62
C ASN A 551 12.78 -26.00 -15.60
N ILE A 552 13.26 -24.77 -15.43
CA ILE A 552 12.66 -23.84 -14.50
C ILE A 552 11.50 -23.15 -15.21
N TYR A 553 10.30 -23.25 -14.66
CA TYR A 553 9.15 -22.61 -15.29
C TYR A 553 8.18 -22.10 -14.23
N PRO A 554 7.42 -21.04 -14.57
CA PRO A 554 6.44 -20.43 -13.66
C PRO A 554 5.15 -21.24 -13.53
N GLY A 555 5.26 -22.42 -12.91
CA GLY A 555 4.09 -23.29 -12.75
C GLY A 555 4.09 -24.12 -11.49
N GLY A 556 4.67 -23.60 -10.42
CA GLY A 556 4.70 -24.36 -9.18
C GLY A 556 5.72 -23.77 -8.23
N GLN A 557 5.55 -24.02 -6.94
CA GLN A 557 6.50 -23.48 -5.97
C GLN A 557 7.89 -24.05 -6.16
N SER A 558 7.98 -25.34 -6.46
CA SER A 558 9.26 -25.97 -6.68
C SER A 558 9.71 -25.76 -8.14
N ALA A 559 8.74 -25.81 -9.05
CA ALA A 559 9.02 -25.67 -10.47
C ALA A 559 9.67 -24.36 -10.87
N CYS A 560 9.29 -23.26 -10.22
CA CYS A 560 9.81 -21.94 -10.54
C CYS A 560 11.12 -21.57 -9.86
N ARG A 561 11.61 -22.42 -8.99
CA ARG A 561 12.82 -22.07 -8.26
C ARG A 561 13.94 -23.11 -8.29
N ARG A 562 15.15 -22.65 -8.05
CA ARG A 562 16.30 -23.53 -7.97
C ARG A 562 17.18 -22.98 -6.86
N GLU A 563 17.35 -23.77 -5.80
CA GLU A 563 18.18 -23.36 -4.68
C GLU A 563 19.57 -23.92 -4.88
N VAL A 564 20.57 -23.13 -4.52
CA VAL A 564 21.97 -23.53 -4.65
C VAL A 564 22.74 -23.00 -3.45
N GLN A 565 23.46 -23.89 -2.80
CA GLN A 565 24.27 -23.49 -1.66
C GLN A 565 25.71 -23.73 -2.11
N PHE A 566 26.55 -22.72 -1.96
CA PHE A 566 27.94 -22.86 -2.38
C PHE A 566 28.84 -22.12 -1.41
N ARG A 567 30.06 -22.62 -1.28
CA ARG A 567 31.03 -22.05 -0.35
C ARG A 567 32.36 -21.78 -1.05
N ILE A 568 33.04 -20.72 -0.64
CA ILE A 568 34.36 -20.42 -1.18
C ILE A 568 35.22 -20.40 0.08
N ALA A 569 36.37 -21.07 0.03
CA ALA A 569 37.20 -21.13 1.23
C ALA A 569 38.69 -21.00 1.01
N ALA A 570 39.32 -20.28 1.92
CA ALA A 570 40.76 -20.09 1.93
C ALA A 570 41.25 -21.26 2.80
N PRO A 571 42.57 -21.49 2.86
CA PRO A 571 43.12 -22.60 3.65
C PRO A 571 42.65 -22.65 5.11
N GLN A 572 42.42 -23.87 5.59
CA GLN A 572 41.98 -24.04 6.97
C GLN A 572 43.04 -23.44 7.88
N GLY A 573 42.61 -22.87 9.00
CA GLY A 573 43.58 -22.27 9.91
C GLY A 573 43.98 -20.85 9.57
N THR A 574 43.66 -20.37 8.36
CA THR A 574 44.03 -19.00 7.99
C THR A 574 42.97 -18.01 8.45
N THR A 575 43.38 -16.74 8.57
CA THR A 575 42.49 -15.70 9.06
C THR A 575 42.46 -14.42 8.23
N TYR A 576 42.95 -14.47 7.00
CA TYR A 576 42.96 -13.25 6.20
C TYR A 576 41.73 -13.10 5.30
N TRP A 577 40.96 -14.16 5.15
CA TRP A 577 39.74 -14.11 4.33
C TRP A 577 38.89 -12.93 4.80
N ASN A 578 38.53 -12.03 3.89
CA ASN A 578 37.72 -10.88 4.27
C ASN A 578 36.52 -10.70 3.34
N PRO A 579 35.35 -11.21 3.76
CA PRO A 579 34.16 -11.07 2.90
C PRO A 579 33.62 -9.66 2.81
N LYS A 580 34.04 -8.78 3.73
CA LYS A 580 33.54 -7.41 3.75
C LYS A 580 33.88 -6.54 2.55
N ASN A 581 34.94 -6.88 1.82
CA ASN A 581 35.26 -6.09 0.64
C ASN A 581 34.75 -6.79 -0.62
N ASP A 582 33.96 -7.84 -0.43
CA ASP A 582 33.39 -8.58 -1.57
C ASP A 582 32.08 -7.93 -2.02
N PHE A 583 32.01 -7.58 -3.30
CA PHE A 583 30.83 -6.94 -3.85
C PHE A 583 29.52 -7.66 -3.54
N SER A 584 29.48 -8.98 -3.71
CA SER A 584 28.26 -9.75 -3.49
C SER A 584 27.90 -10.06 -2.05
N TYR A 585 28.78 -9.70 -1.12
CA TYR A 585 28.56 -9.95 0.30
C TYR A 585 27.84 -8.77 0.96
N ASP A 586 27.98 -7.60 0.37
CA ASP A 586 27.37 -6.40 0.91
C ASP A 586 25.84 -6.48 1.04
N GLY A 587 25.36 -6.29 2.27
CA GLY A 587 23.93 -6.34 2.53
C GLY A 587 23.36 -7.74 2.60
N LEU A 588 24.20 -8.74 2.32
CA LEU A 588 23.76 -10.13 2.32
C LEU A 588 23.10 -10.52 3.64
N PRO A 589 21.89 -11.12 3.57
CA PRO A 589 21.19 -11.53 4.79
C PRO A 589 22.11 -12.40 5.65
N THR A 590 22.29 -11.98 6.90
CA THR A 590 23.16 -12.66 7.86
C THR A 590 22.81 -14.09 8.23
N THR A 591 21.77 -14.65 7.63
CA THR A 591 21.40 -16.03 7.98
C THR A 591 20.83 -16.86 6.82
N SER A 592 20.45 -18.09 7.14
CA SER A 592 19.88 -19.03 6.17
C SER A 592 18.52 -18.61 5.62
N THR A 593 17.96 -17.50 6.12
CA THR A 593 16.67 -17.03 5.63
C THR A 593 16.92 -15.96 4.55
N VAL A 594 16.74 -16.36 3.30
CA VAL A 594 16.99 -15.49 2.15
C VAL A 594 16.02 -14.34 1.87
N ASN A 595 16.56 -13.32 1.22
CA ASN A 595 15.81 -12.14 0.81
C ASN A 595 16.37 -11.75 -0.55
N THR A 596 15.58 -11.02 -1.32
CA THR A 596 16.00 -10.59 -2.64
C THR A 596 17.26 -9.75 -2.52
N VAL A 597 18.25 -10.02 -3.38
CA VAL A 597 19.50 -9.25 -3.36
C VAL A 597 19.78 -8.75 -4.77
N THR A 598 20.46 -7.61 -4.87
CA THR A 598 20.75 -7.03 -6.17
C THR A 598 22.22 -7.05 -6.55
N ASN A 599 23.05 -7.70 -5.73
CA ASN A 599 24.48 -7.78 -6.04
C ASN A 599 25.02 -9.17 -6.37
N ILE A 600 24.12 -10.08 -6.77
CA ILE A 600 24.51 -11.41 -7.21
C ILE A 600 23.67 -11.49 -8.49
N PRO A 601 24.13 -10.78 -9.54
CA PRO A 601 23.43 -10.73 -10.84
C PRO A 601 23.07 -12.03 -11.50
N VAL A 602 21.89 -12.02 -12.09
CA VAL A 602 21.34 -13.16 -12.80
C VAL A 602 21.44 -12.91 -14.30
N TYR A 603 21.78 -13.96 -15.03
CA TYR A 603 21.94 -13.86 -16.47
C TYR A 603 21.05 -14.89 -17.15
N ASP A 604 20.56 -14.51 -18.32
CA ASP A 604 19.70 -15.36 -19.13
C ASP A 604 20.43 -15.44 -20.47
N ASN A 605 20.99 -16.61 -20.74
CA ASN A 605 21.76 -16.84 -21.96
C ASN A 605 22.90 -15.81 -22.02
N GLY A 606 23.59 -15.65 -20.90
CA GLY A 606 24.71 -14.72 -20.83
C GLY A 606 24.39 -13.25 -20.70
N VAL A 607 23.13 -12.86 -20.87
CA VAL A 607 22.71 -11.48 -20.77
C VAL A 607 22.21 -11.17 -19.37
N LYS A 608 22.78 -10.16 -18.72
CA LYS A 608 22.33 -9.83 -17.37
C LYS A 608 20.90 -9.30 -17.40
N VAL A 609 20.02 -9.92 -16.60
CA VAL A 609 18.63 -9.50 -16.54
C VAL A 609 18.20 -9.02 -15.16
N PHE A 610 18.99 -9.31 -14.14
CA PHE A 610 18.66 -8.87 -12.79
C PHE A 610 19.91 -8.60 -11.98
N GLY A 611 19.89 -7.54 -11.18
CA GLY A 611 21.03 -7.25 -10.34
C GLY A 611 22.11 -6.43 -11.01
N ASN A 612 23.15 -6.12 -10.24
CA ASN A 612 24.26 -5.31 -10.71
C ASN A 612 25.59 -6.05 -10.59
N GLU A 613 26.55 -5.62 -11.41
CA GLU A 613 27.91 -6.16 -11.39
C GLU A 613 28.80 -5.10 -10.75
N PRO A 614 30.02 -5.48 -10.37
CA PRO A 614 30.95 -4.53 -9.75
C PRO A 614 31.34 -3.40 -10.72
N GLY B 2 17.29 -9.67 13.76
CA GLY B 2 17.23 -9.87 15.23
C GLY B 2 15.82 -9.79 15.76
N THR B 3 15.70 -9.70 17.08
CA THR B 3 14.38 -9.62 17.71
C THR B 3 14.29 -8.28 18.41
N TYR B 4 13.10 -7.69 18.44
CA TYR B 4 12.93 -6.41 19.08
C TYR B 4 11.88 -6.45 20.16
N ASN B 5 12.14 -5.69 21.22
CA ASN B 5 11.24 -5.63 22.36
C ASN B 5 10.14 -4.62 22.03
N TYR B 6 9.01 -5.13 21.55
CA TYR B 6 7.90 -4.24 21.20
C TYR B 6 7.23 -3.58 22.40
N GLY B 7 7.27 -4.25 23.55
CA GLY B 7 6.66 -3.69 24.76
C GLY B 7 7.40 -2.47 25.25
N GLU B 8 8.72 -2.55 25.24
CA GLU B 8 9.53 -1.42 25.68
C GLU B 8 9.36 -0.26 24.70
N ALA B 9 9.30 -0.58 23.41
CA ALA B 9 9.11 0.46 22.39
C ALA B 9 7.76 1.13 22.59
N LEU B 10 6.74 0.33 22.88
CA LEU B 10 5.39 0.84 23.10
C LEU B 10 5.32 1.77 24.30
N GLN B 11 5.91 1.35 25.42
CA GLN B 11 5.85 2.18 26.61
C GLN B 11 6.60 3.50 26.39
N LYS B 12 7.69 3.45 25.65
CA LYS B 12 8.45 4.66 25.41
C LYS B 12 7.74 5.60 24.42
N SER B 13 7.07 5.03 23.41
CA SER B 13 6.34 5.82 22.42
C SER B 13 5.21 6.57 23.11
N ILE B 14 4.57 5.93 24.08
CA ILE B 14 3.51 6.59 24.84
C ILE B 14 4.10 7.70 25.70
N MET B 15 5.23 7.39 26.33
CA MET B 15 5.90 8.36 27.21
C MET B 15 6.36 9.62 26.47
N PHE B 16 6.70 9.47 25.19
CA PHE B 16 7.13 10.59 24.36
C PHE B 16 6.14 11.76 24.49
N TYR B 17 4.84 11.45 24.46
CA TYR B 17 3.82 12.49 24.55
C TYR B 17 3.83 13.23 25.88
N GLU B 18 4.22 12.55 26.95
CA GLU B 18 4.30 13.21 28.25
C GLU B 18 5.37 14.29 28.20
N PHE B 19 6.41 14.09 27.39
CA PHE B 19 7.48 15.08 27.26
C PHE B 19 7.04 16.25 26.38
N GLN B 20 5.94 16.04 25.64
CA GLN B 20 5.42 17.10 24.77
C GLN B 20 4.37 17.92 25.50
N ARG B 21 4.02 17.52 26.72
CA ARG B 21 2.98 18.25 27.44
C ARG B 21 3.22 19.73 27.73
N SER B 22 2.16 20.51 27.52
CA SER B 22 2.17 21.94 27.81
C SER B 22 1.21 22.11 28.99
N GLY B 23 1.36 23.19 29.73
CA GLY B 23 0.43 23.42 30.82
C GLY B 23 0.91 23.04 32.19
N ASP B 24 -0.06 22.93 33.10
CA ASP B 24 0.16 22.62 34.51
C ASP B 24 0.35 21.12 34.64
N LEU B 25 1.60 20.69 34.69
CA LEU B 25 1.90 19.27 34.75
C LEU B 25 1.51 18.60 36.08
N PRO B 26 1.01 17.37 36.00
CA PRO B 26 0.58 16.61 37.17
C PRO B 26 1.65 16.29 38.20
N ALA B 27 1.19 16.13 39.45
CA ALA B 27 2.07 15.81 40.55
C ALA B 27 2.69 14.45 40.32
N ASP B 28 1.97 13.59 39.60
CA ASP B 28 2.43 12.23 39.33
C ASP B 28 3.39 12.08 38.15
N LYS B 29 3.87 13.18 37.57
CA LYS B 29 4.77 13.09 36.43
C LYS B 29 5.98 12.21 36.78
N ARG B 30 6.47 11.45 35.79
CA ARG B 30 7.60 10.55 36.00
C ARG B 30 8.90 10.98 35.34
N ASP B 31 9.13 12.29 35.29
CA ASP B 31 10.38 12.80 34.74
C ASP B 31 10.76 13.97 35.64
N ASN B 32 12.01 14.41 35.57
CA ASN B 32 12.46 15.54 36.39
C ASN B 32 12.99 16.67 35.54
N TRP B 33 12.55 16.75 34.28
CA TRP B 33 13.05 17.81 33.42
C TRP B 33 12.00 18.62 32.66
N ARG B 34 10.74 18.25 32.79
CA ARG B 34 9.68 19.05 32.18
C ARG B 34 8.91 19.64 33.35
N ASP B 35 8.46 20.90 33.23
CA ASP B 35 7.69 21.51 34.31
C ASP B 35 6.63 22.41 33.67
N ASP B 36 5.90 23.14 34.51
CA ASP B 36 4.84 24.04 34.02
C ASP B 36 5.36 24.94 32.89
N SER B 37 4.56 25.10 31.85
CA SER B 37 4.92 25.93 30.71
C SER B 37 3.63 26.31 29.96
N GLY B 38 3.69 27.40 29.19
CA GLY B 38 2.52 27.86 28.45
C GLY B 38 1.36 28.08 29.40
N MET B 39 1.72 28.52 30.60
CA MET B 39 0.76 28.73 31.68
C MET B 39 -0.18 29.90 31.49
N LYS B 40 0.10 30.77 30.52
CA LYS B 40 -0.79 31.90 30.24
C LYS B 40 -1.48 31.67 28.89
N ASP B 41 -1.42 30.45 28.38
CA ASP B 41 -2.05 30.15 27.09
C ASP B 41 -3.53 30.46 27.10
N GLY B 42 -3.93 31.33 26.16
CA GLY B 42 -5.32 31.75 26.05
C GLY B 42 -5.58 33.09 26.75
N SER B 43 -4.63 33.53 27.57
CA SER B 43 -4.80 34.80 28.31
C SER B 43 -5.08 35.99 27.38
N ASP B 44 -4.55 35.94 26.16
CA ASP B 44 -4.75 37.03 25.20
C ASP B 44 -6.21 37.15 24.75
N VAL B 45 -7.00 36.10 24.96
CA VAL B 45 -8.41 36.15 24.59
C VAL B 45 -9.33 35.88 25.77
N GLY B 46 -8.75 35.78 26.97
CA GLY B 46 -9.54 35.57 28.16
C GLY B 46 -10.15 34.19 28.28
N VAL B 47 -9.42 33.18 27.80
CA VAL B 47 -9.90 31.81 27.86
C VAL B 47 -8.76 30.95 28.37
N ASP B 48 -9.08 29.96 29.21
CA ASP B 48 -8.06 29.05 29.70
C ASP B 48 -7.81 28.05 28.56
N LEU B 49 -6.68 28.20 27.89
CA LEU B 49 -6.32 27.29 26.80
C LEU B 49 -5.04 26.55 27.15
N THR B 50 -4.81 26.38 28.45
CA THR B 50 -3.59 25.68 28.87
C THR B 50 -3.77 24.19 28.68
N GLY B 51 -2.64 23.50 28.52
CA GLY B 51 -2.66 22.06 28.31
C GLY B 51 -2.33 21.64 26.89
N GLY B 52 -2.71 20.42 26.54
CA GLY B 52 -2.43 19.93 25.21
C GLY B 52 -0.95 19.59 25.05
N TRP B 53 -0.56 19.26 23.82
CA TRP B 53 0.83 18.91 23.49
C TRP B 53 1.50 19.87 22.53
N TYR B 54 2.78 20.16 22.77
CA TYR B 54 3.54 20.98 21.82
C TYR B 54 3.66 20.09 20.59
N ASP B 55 3.63 20.68 19.39
CA ASP B 55 3.65 19.87 18.19
C ASP B 55 4.88 19.02 17.88
N ALA B 56 6.05 19.64 17.82
CA ALA B 56 7.25 18.92 17.46
C ALA B 56 8.41 19.30 18.37
N GLY B 57 9.45 19.88 17.80
CA GLY B 57 10.59 20.33 18.59
C GLY B 57 10.44 21.80 18.92
N ASP B 58 9.24 22.30 18.68
CA ASP B 58 8.86 23.69 18.92
C ASP B 58 7.81 23.75 20.03
N HIS B 59 7.21 24.91 20.27
CA HIS B 59 6.22 25.01 21.34
C HIS B 59 4.86 25.54 20.88
N VAL B 60 4.61 25.45 19.57
CA VAL B 60 3.31 25.86 19.06
C VAL B 60 2.35 24.69 19.28
N LYS B 61 1.10 25.01 19.58
CA LYS B 61 0.06 24.01 19.74
C LYS B 61 -0.79 24.11 18.47
N PHE B 62 -0.56 23.16 17.55
CA PHE B 62 -1.25 23.07 16.25
C PHE B 62 -2.34 22.00 16.43
N ASN B 63 -3.59 22.42 16.56
CA ASN B 63 -4.65 21.46 16.84
C ASN B 63 -4.98 20.41 15.80
N LEU B 64 -4.65 20.64 14.52
CA LEU B 64 -4.95 19.62 13.51
C LEU B 64 -4.10 18.37 13.74
N PRO B 65 -2.76 18.52 13.74
CA PRO B 65 -2.00 17.29 13.97
C PRO B 65 -2.15 16.80 15.41
N MET B 66 -2.44 17.70 16.34
CA MET B 66 -2.58 17.30 17.74
C MET B 66 -3.80 16.41 17.90
N SER B 67 -4.90 16.76 17.25
CA SER B 67 -6.13 15.98 17.35
C SER B 67 -6.03 14.72 16.52
N TYR B 68 -5.32 14.81 15.40
CA TYR B 68 -5.10 13.60 14.60
C TYR B 68 -4.40 12.60 15.52
N THR B 69 -3.41 13.10 16.26
CA THR B 69 -2.63 12.22 17.13
C THR B 69 -3.47 11.51 18.18
N SER B 70 -4.21 12.26 18.99
CA SER B 70 -5.00 11.63 20.03
C SER B 70 -6.08 10.72 19.44
N ALA B 71 -6.61 11.06 18.27
CA ALA B 71 -7.62 10.19 17.65
C ALA B 71 -6.97 8.86 17.28
N MET B 72 -5.74 8.92 16.75
CA MET B 72 -5.03 7.70 16.38
C MET B 72 -4.66 6.89 17.62
N LEU B 73 -4.30 7.54 18.70
CA LEU B 73 -3.97 6.79 19.92
C LEU B 73 -5.23 6.10 20.46
N ALA B 74 -6.35 6.83 20.43
CA ALA B 74 -7.62 6.26 20.88
C ALA B 74 -8.03 5.09 19.99
N TRP B 75 -7.78 5.21 18.69
CA TRP B 75 -8.12 4.13 17.76
C TRP B 75 -7.34 2.88 18.16
N SER B 76 -6.05 3.06 18.44
CA SER B 76 -5.22 1.93 18.85
C SER B 76 -5.75 1.27 20.13
N LEU B 77 -6.15 2.09 21.12
CA LEU B 77 -6.68 1.53 22.38
C LEU B 77 -8.01 0.83 22.14
N TYR B 78 -8.80 1.34 21.20
CA TYR B 78 -10.08 0.73 20.85
C TYR B 78 -9.84 -0.64 20.17
N GLU B 79 -8.81 -0.72 19.34
CA GLU B 79 -8.50 -1.95 18.63
C GLU B 79 -7.76 -3.00 19.45
N ASP B 80 -6.83 -2.55 20.28
CA ASP B 80 -5.99 -3.48 21.04
C ASP B 80 -5.87 -3.24 22.54
N LYS B 81 -7.00 -3.09 23.24
CA LYS B 81 -6.95 -2.87 24.67
C LYS B 81 -6.20 -4.00 25.36
N ASP B 82 -6.32 -5.22 24.83
CA ASP B 82 -5.62 -6.35 25.43
C ASP B 82 -4.11 -6.13 25.47
N ALA B 83 -3.57 -5.49 24.43
CA ALA B 83 -2.12 -5.23 24.38
C ALA B 83 -1.73 -4.21 25.45
N TYR B 84 -2.53 -3.17 25.59
CA TYR B 84 -2.24 -2.15 26.59
C TYR B 84 -2.37 -2.71 28.00
N ASP B 85 -3.40 -3.54 28.22
CA ASP B 85 -3.58 -4.13 29.56
C ASP B 85 -2.43 -5.05 29.92
N LYS B 86 -2.06 -5.94 29.01
CA LYS B 86 -0.99 -6.88 29.28
C LYS B 86 0.36 -6.20 29.48
N SER B 87 0.61 -5.14 28.72
CA SER B 87 1.88 -4.42 28.82
C SER B 87 1.91 -3.46 30.00
N GLY B 88 0.76 -3.32 30.68
CA GLY B 88 0.65 -2.41 31.80
C GLY B 88 0.72 -0.94 31.40
N GLN B 89 0.38 -0.65 30.14
CA GLN B 89 0.46 0.72 29.63
C GLN B 89 -0.89 1.41 29.45
N THR B 90 -1.98 0.69 29.73
CA THR B 90 -3.31 1.27 29.57
C THR B 90 -3.45 2.62 30.28
N LYS B 91 -3.05 2.68 31.55
CA LYS B 91 -3.17 3.91 32.31
C LYS B 91 -2.42 5.07 31.68
N TYR B 92 -1.25 4.81 31.13
CA TYR B 92 -0.46 5.88 30.54
C TYR B 92 -1.04 6.39 29.22
N ILE B 93 -1.51 5.49 28.35
CA ILE B 93 -2.06 5.98 27.10
C ILE B 93 -3.40 6.69 27.35
N MET B 94 -4.17 6.22 28.33
CA MET B 94 -5.44 6.89 28.60
C MET B 94 -5.14 8.29 29.15
N ASP B 95 -4.12 8.42 29.99
CA ASP B 95 -3.80 9.76 30.51
C ASP B 95 -3.39 10.70 29.36
N GLY B 96 -2.67 10.16 28.38
CA GLY B 96 -2.26 10.95 27.23
C GLY B 96 -3.46 11.37 26.40
N ILE B 97 -4.35 10.41 26.14
CA ILE B 97 -5.55 10.71 25.37
C ILE B 97 -6.37 11.78 26.09
N LYS B 98 -6.46 11.67 27.42
CA LYS B 98 -7.22 12.65 28.19
C LYS B 98 -6.51 14.01 28.21
N TRP B 99 -5.18 14.00 28.20
CA TRP B 99 -4.44 15.27 28.21
C TRP B 99 -4.82 16.10 26.99
N ALA B 100 -4.80 15.47 25.83
CA ALA B 100 -5.12 16.19 24.61
C ALA B 100 -6.58 16.59 24.56
N ASN B 101 -7.46 15.66 24.88
CA ASN B 101 -8.89 15.97 24.82
C ASN B 101 -9.40 16.97 25.85
N ASP B 102 -8.79 17.01 27.03
CA ASP B 102 -9.19 18.00 28.03
C ASP B 102 -8.91 19.39 27.45
N TYR B 103 -7.81 19.48 26.69
CA TYR B 103 -7.44 20.75 26.05
C TYR B 103 -8.41 21.09 24.93
N PHE B 104 -8.77 20.11 24.11
CA PHE B 104 -9.72 20.39 23.03
C PHE B 104 -11.06 20.85 23.59
N ILE B 105 -11.44 20.31 24.74
CA ILE B 105 -12.69 20.75 25.38
C ILE B 105 -12.54 22.23 25.76
N LYS B 106 -11.39 22.59 26.31
CA LYS B 106 -11.14 23.97 26.69
C LYS B 106 -11.21 24.85 25.47
N CYS B 107 -10.78 24.31 24.33
CA CYS B 107 -10.77 25.08 23.10
C CYS B 107 -12.15 25.34 22.48
N ASN B 108 -13.18 24.68 23.03
CA ASN B 108 -14.58 24.83 22.55
C ASN B 108 -15.35 25.34 23.77
N PRO B 109 -14.99 26.55 24.25
CA PRO B 109 -15.61 27.18 25.44
C PRO B 109 -17.10 27.50 25.34
N THR B 110 -17.57 27.69 24.13
CA THR B 110 -18.97 28.00 23.92
C THR B 110 -19.34 27.40 22.56
N PRO B 111 -20.58 26.95 22.39
CA PRO B 111 -20.98 26.36 21.11
C PRO B 111 -20.70 27.29 19.93
N GLY B 112 -20.08 26.75 18.88
CA GLY B 112 -19.79 27.54 17.70
C GLY B 112 -18.47 28.27 17.67
N VAL B 113 -17.67 28.09 18.72
CA VAL B 113 -16.37 28.74 18.79
C VAL B 113 -15.31 27.66 19.02
N TYR B 114 -14.25 27.71 18.22
CA TYR B 114 -13.17 26.73 18.40
C TYR B 114 -11.80 27.33 18.22
N TYR B 115 -11.00 27.29 19.28
CA TYR B 115 -9.62 27.78 19.23
C TYR B 115 -8.81 26.63 18.67
N TYR B 116 -8.12 26.90 17.57
CA TYR B 116 -7.39 25.86 16.88
C TYR B 116 -5.89 25.95 16.93
N GLN B 117 -5.38 26.99 17.58
CA GLN B 117 -3.94 27.16 17.68
C GLN B 117 -3.57 28.10 18.81
N VAL B 118 -2.44 27.83 19.46
CA VAL B 118 -1.92 28.72 20.49
C VAL B 118 -0.43 28.78 20.18
N GLY B 119 0.03 29.99 19.86
CA GLY B 119 1.41 30.20 19.51
C GLY B 119 1.45 30.64 18.06
N ASP B 120 2.46 31.44 17.71
CA ASP B 120 2.64 31.94 16.35
C ASP B 120 3.94 31.29 15.86
N GLY B 121 3.87 30.61 14.72
CA GLY B 121 5.04 29.92 14.20
C GLY B 121 6.29 30.77 14.13
N GLY B 122 6.14 31.99 13.59
CA GLY B 122 7.28 32.87 13.45
C GLY B 122 7.88 33.27 14.77
N LYS B 123 7.04 33.61 15.74
CA LYS B 123 7.51 34.03 17.06
C LYS B 123 8.09 32.85 17.83
N ASP B 124 7.44 31.70 17.73
CA ASP B 124 7.89 30.52 18.47
C ASP B 124 9.20 29.94 17.97
N HIS B 125 9.33 29.83 16.65
CA HIS B 125 10.52 29.21 16.06
C HIS B 125 11.79 30.05 16.05
N SER B 126 11.62 31.34 16.27
CA SER B 126 12.74 32.28 16.28
C SER B 126 13.46 32.32 17.63
N TRP B 127 13.17 31.35 18.51
CA TRP B 127 13.85 31.27 19.81
C TRP B 127 14.17 29.81 20.07
N TRP B 128 15.40 29.53 20.50
CA TRP B 128 15.79 28.15 20.77
C TRP B 128 16.08 27.94 22.24
N GLY B 129 15.08 27.47 22.97
CA GLY B 129 15.26 27.26 24.40
C GLY B 129 14.16 26.39 24.94
N PRO B 130 14.23 26.04 26.24
CA PRO B 130 13.23 25.19 26.88
C PRO B 130 11.85 25.83 27.12
N ALA B 131 10.82 25.01 26.91
CA ALA B 131 9.44 25.43 27.08
C ALA B 131 9.15 26.24 28.35
N GLU B 132 9.69 25.78 29.47
CA GLU B 132 9.43 26.41 30.76
C GLU B 132 9.77 27.89 30.87
N VAL B 133 10.67 28.40 30.04
CA VAL B 133 11.03 29.80 30.15
C VAL B 133 10.78 30.65 28.90
N MET B 134 9.83 30.22 28.07
CA MET B 134 9.49 31.00 26.87
C MET B 134 9.10 32.41 27.31
N GLN B 135 9.54 33.42 26.58
CA GLN B 135 9.23 34.80 26.96
C GLN B 135 8.36 35.53 25.94
N MET B 136 8.20 34.94 24.76
CA MET B 136 7.43 35.59 23.69
C MET B 136 5.91 35.46 23.77
N GLU B 137 5.23 36.34 23.05
CA GLU B 137 3.77 36.31 23.01
C GLU B 137 3.36 34.98 22.40
N ARG B 138 2.23 34.45 22.84
CA ARG B 138 1.70 33.18 22.30
C ARG B 138 0.23 33.40 21.98
N PRO B 139 -0.05 34.03 20.82
CA PRO B 139 -1.43 34.30 20.42
C PRO B 139 -2.31 33.09 20.18
N SER B 140 -3.59 33.27 20.49
CA SER B 140 -4.63 32.23 20.33
C SER B 140 -5.44 32.56 19.07
N PHE B 141 -5.84 31.53 18.33
CA PHE B 141 -6.59 31.73 17.09
C PHE B 141 -7.83 30.86 17.08
N LYS B 142 -8.94 31.39 16.57
CA LYS B 142 -10.15 30.60 16.55
C LYS B 142 -10.88 30.61 15.21
N VAL B 143 -11.73 29.60 15.03
CA VAL B 143 -12.58 29.53 13.87
C VAL B 143 -14.01 29.54 14.39
N ASP B 144 -14.94 29.94 13.53
CA ASP B 144 -16.35 29.98 13.91
C ASP B 144 -17.12 29.96 12.61
N ALA B 145 -18.43 30.14 12.67
CA ALA B 145 -19.24 30.09 11.46
C ALA B 145 -18.76 31.06 10.39
N SER B 146 -18.28 32.24 10.81
CA SER B 146 -17.81 33.25 9.86
C SER B 146 -16.38 33.05 9.35
N LYS B 147 -15.57 32.29 10.07
CA LYS B 147 -14.18 32.00 9.70
C LYS B 147 -14.03 30.51 10.01
N PRO B 148 -14.49 29.67 9.09
CA PRO B 148 -14.45 28.21 9.25
C PRO B 148 -13.14 27.44 9.14
N GLY B 149 -13.13 26.30 9.82
CA GLY B 149 -11.98 25.40 9.78
C GLY B 149 -12.55 24.00 9.85
N SER B 150 -13.15 23.52 8.74
CA SER B 150 -13.76 22.19 8.77
C SER B 150 -12.78 21.08 9.11
N ALA B 151 -11.61 21.08 8.48
CA ALA B 151 -10.65 20.04 8.75
C ALA B 151 -10.28 19.96 10.23
N VAL B 152 -9.84 21.07 10.81
CA VAL B 152 -9.43 21.02 12.21
C VAL B 152 -10.58 20.76 13.17
N CYS B 153 -11.77 21.30 12.87
CA CYS B 153 -12.92 21.08 13.73
C CYS B 153 -13.34 19.60 13.69
N ALA B 154 -13.36 19.00 12.50
CA ALA B 154 -13.73 17.60 12.35
C ALA B 154 -12.66 16.68 12.95
N SER B 155 -11.40 17.04 12.75
CA SER B 155 -10.30 16.24 13.29
C SER B 155 -10.42 16.24 14.82
N THR B 156 -10.80 17.39 15.37
CA THR B 156 -10.94 17.48 16.82
C THR B 156 -12.17 16.68 17.28
N ALA B 157 -13.25 16.72 16.51
CA ALA B 157 -14.44 15.96 16.87
C ALA B 157 -14.09 14.47 16.89
N ALA B 158 -13.28 14.04 15.93
CA ALA B 158 -12.87 12.65 15.84
C ALA B 158 -12.09 12.27 17.09
N SER B 159 -11.18 13.14 17.51
CA SER B 159 -10.40 12.90 18.71
C SER B 159 -11.33 12.77 19.92
N LEU B 160 -12.23 13.74 20.08
CA LEU B 160 -13.16 13.73 21.19
C LEU B 160 -14.08 12.50 21.20
N ALA B 161 -14.59 12.14 20.02
CA ALA B 161 -15.49 11.00 19.90
C ALA B 161 -14.76 9.69 20.17
N SER B 162 -13.56 9.54 19.62
CA SER B 162 -12.79 8.33 19.86
C SER B 162 -12.43 8.25 21.35
N ALA B 163 -12.14 9.40 21.96
CA ALA B 163 -11.84 9.40 23.39
C ALA B 163 -13.08 8.88 24.15
N ALA B 164 -14.27 9.30 23.73
CA ALA B 164 -15.49 8.86 24.38
C ALA B 164 -15.62 7.35 24.30
N VAL B 165 -15.35 6.82 23.11
CA VAL B 165 -15.43 5.36 22.93
C VAL B 165 -14.55 4.60 23.92
N VAL B 166 -13.29 5.01 24.08
CA VAL B 166 -12.40 4.27 24.98
C VAL B 166 -12.51 4.63 26.45
N PHE B 167 -13.18 5.73 26.78
CA PHE B 167 -13.36 6.15 28.17
C PHE B 167 -14.74 5.80 28.74
N LYS B 168 -15.67 5.44 27.87
CA LYS B 168 -17.04 5.16 28.31
C LYS B 168 -17.22 4.20 29.48
N SER B 169 -16.56 3.05 29.44
CA SER B 169 -16.74 2.07 30.50
C SER B 169 -16.14 2.48 31.85
N SER B 170 -15.08 3.27 31.83
CA SER B 170 -14.44 3.69 33.08
C SER B 170 -14.82 5.09 33.55
N ASP B 171 -15.23 5.96 32.62
CA ASP B 171 -15.59 7.33 32.99
C ASP B 171 -16.67 7.82 32.04
N PRO B 172 -17.89 7.30 32.20
CA PRO B 172 -19.03 7.68 31.36
C PRO B 172 -19.35 9.17 31.33
N THR B 173 -19.14 9.84 32.46
CA THR B 173 -19.40 11.28 32.54
C THR B 173 -18.45 12.04 31.61
N TYR B 174 -17.19 11.61 31.58
CA TYR B 174 -16.22 12.26 30.70
C TYR B 174 -16.52 11.91 29.25
N ALA B 175 -16.92 10.66 28.99
CA ALA B 175 -17.22 10.26 27.62
C ALA B 175 -18.38 11.11 27.12
N GLU B 176 -19.35 11.33 27.99
CA GLU B 176 -20.53 12.13 27.66
C GLU B 176 -20.12 13.57 27.35
N LYS B 177 -19.20 14.11 28.14
CA LYS B 177 -18.72 15.47 27.93
C LYS B 177 -17.99 15.54 26.57
N CYS B 178 -17.13 14.56 26.32
CA CYS B 178 -16.40 14.52 25.05
C CYS B 178 -17.39 14.51 23.88
N ILE B 179 -18.42 13.68 23.97
CA ILE B 179 -19.40 13.61 22.88
C ILE B 179 -20.08 14.97 22.65
N SER B 180 -20.46 15.63 23.73
CA SER B 180 -21.13 16.91 23.61
C SER B 180 -20.28 17.89 22.81
N HIS B 181 -18.98 17.95 23.12
CA HIS B 181 -18.14 18.88 22.38
C HIS B 181 -17.85 18.39 20.97
N ALA B 182 -17.72 17.07 20.81
CA ALA B 182 -17.45 16.51 19.48
C ALA B 182 -18.61 16.85 18.55
N LYS B 183 -19.83 16.72 19.05
CA LYS B 183 -21.00 17.03 18.24
C LYS B 183 -21.01 18.47 17.75
N ASN B 184 -20.63 19.42 18.61
CA ASN B 184 -20.62 20.82 18.21
C ASN B 184 -19.55 21.08 17.16
N LEU B 185 -18.36 20.54 17.38
CA LEU B 185 -17.26 20.76 16.45
C LEU B 185 -17.55 20.12 15.10
N PHE B 186 -18.15 18.93 15.13
CA PHE B 186 -18.49 18.24 13.89
C PHE B 186 -19.57 19.04 13.16
N ASP B 187 -20.59 19.50 13.87
CA ASP B 187 -21.64 20.29 13.25
C ASP B 187 -21.07 21.55 12.61
N MET B 188 -20.15 22.21 13.31
CA MET B 188 -19.52 23.41 12.74
C MET B 188 -18.83 23.05 11.42
N ALA B 189 -18.04 21.98 11.45
CA ALA B 189 -17.28 21.55 10.27
C ALA B 189 -18.20 21.16 9.12
N ASP B 190 -19.23 20.39 9.44
CA ASP B 190 -20.19 19.90 8.46
C ASP B 190 -20.98 21.00 7.75
N LYS B 191 -21.42 21.98 8.50
CA LYS B 191 -22.19 23.07 7.91
C LYS B 191 -21.31 24.00 7.08
N ALA B 192 -20.09 24.25 7.52
CA ALA B 192 -19.19 25.15 6.81
C ALA B 192 -18.57 24.60 5.54
N LYS B 193 -18.08 23.36 5.59
CA LYS B 193 -17.41 22.73 4.46
C LYS B 193 -16.41 23.70 3.83
N SER B 194 -15.53 24.24 4.68
CA SER B 194 -14.51 25.17 4.24
C SER B 194 -13.41 25.29 5.29
N ASP B 195 -12.18 25.53 4.85
CA ASP B 195 -11.04 25.74 5.75
C ASP B 195 -10.58 27.20 5.61
N ALA B 196 -11.45 28.02 5.01
CA ALA B 196 -11.13 29.43 4.77
C ALA B 196 -10.61 30.21 5.97
N GLY B 197 -11.15 29.92 7.15
CA GLY B 197 -10.70 30.62 8.36
C GLY B 197 -9.52 29.95 9.07
N TYR B 198 -9.09 28.79 8.57
CA TYR B 198 -7.98 28.04 9.17
C TYR B 198 -6.72 28.61 8.55
N THR B 199 -6.19 29.68 9.15
CA THR B 199 -5.06 30.36 8.56
C THR B 199 -3.77 30.48 9.34
N ALA B 200 -3.85 30.45 10.67
CA ALA B 200 -2.65 30.61 11.50
C ALA B 200 -1.63 29.48 11.29
N ALA B 201 -2.06 28.35 10.74
CA ALA B 201 -1.16 27.22 10.53
C ALA B 201 -0.62 27.11 9.10
N SER B 202 -0.85 28.14 8.28
CA SER B 202 -0.38 28.12 6.92
C SER B 202 1.12 27.95 6.83
N GLY B 203 1.55 26.96 6.05
CA GLY B 203 2.97 26.72 5.88
C GLY B 203 3.50 25.74 6.91
N TYR B 204 2.67 25.43 7.90
CA TYR B 204 3.06 24.47 8.93
C TYR B 204 2.16 23.26 8.78
N TYR B 205 0.85 23.49 8.91
CA TYR B 205 -0.14 22.43 8.79
C TYR B 205 -1.33 22.86 7.93
N SER B 206 -1.03 23.39 6.75
CA SER B 206 -2.08 23.79 5.83
C SER B 206 -2.93 22.56 5.53
N SER B 207 -4.23 22.76 5.42
CA SER B 207 -5.15 21.66 5.14
C SER B 207 -5.43 21.58 3.65
N SER B 208 -5.26 20.39 3.08
CA SER B 208 -5.53 20.19 1.67
C SER B 208 -6.84 19.45 1.45
N SER B 209 -7.55 19.17 2.54
CA SER B 209 -8.79 18.42 2.43
C SER B 209 -9.57 18.41 3.74
N PHE B 210 -10.90 18.36 3.64
CA PHE B 210 -11.71 18.30 4.85
C PHE B 210 -12.84 17.27 4.76
N TYR B 211 -13.14 16.77 3.56
CA TYR B 211 -14.20 15.77 3.45
C TYR B 211 -13.75 14.46 4.10
N ASP B 212 -12.43 14.23 4.09
CA ASP B 212 -11.87 13.04 4.71
C ASP B 212 -12.06 13.19 6.21
N ASP B 213 -11.76 14.37 6.75
CA ASP B 213 -11.92 14.60 8.17
C ASP B 213 -13.39 14.47 8.58
N LEU B 214 -14.30 14.94 7.71
CA LEU B 214 -15.71 14.83 8.02
C LEU B 214 -16.11 13.34 8.14
N SER B 215 -15.66 12.50 7.22
CA SER B 215 -15.99 11.08 7.29
C SER B 215 -15.40 10.43 8.55
N TRP B 216 -14.14 10.74 8.82
CA TRP B 216 -13.42 10.22 9.98
C TRP B 216 -14.16 10.62 11.26
N ALA B 217 -14.49 11.89 11.40
CA ALA B 217 -15.22 12.35 12.57
C ALA B 217 -16.59 11.65 12.69
N ALA B 218 -17.31 11.57 11.57
CA ALA B 218 -18.63 10.94 11.56
C ALA B 218 -18.53 9.48 11.99
N VAL B 219 -17.52 8.78 11.50
CA VAL B 219 -17.33 7.39 11.87
C VAL B 219 -17.15 7.28 13.38
N TRP B 220 -16.29 8.13 13.95
CA TRP B 220 -16.08 8.05 15.39
C TRP B 220 -17.29 8.47 16.20
N LEU B 221 -18.08 9.43 15.71
CA LEU B 221 -19.26 9.83 16.44
C LEU B 221 -20.26 8.67 16.43
N TYR B 222 -20.27 7.92 15.33
CA TYR B 222 -21.15 6.77 15.22
C TYR B 222 -20.77 5.73 16.27
N LEU B 223 -19.46 5.45 16.37
CA LEU B 223 -18.96 4.47 17.34
C LEU B 223 -19.21 4.94 18.78
N ALA B 224 -19.18 6.24 18.99
CA ALA B 224 -19.38 6.79 20.33
C ALA B 224 -20.86 6.88 20.73
N THR B 225 -21.72 7.07 19.76
CA THR B 225 -23.14 7.23 20.04
C THR B 225 -24.04 6.08 19.63
N ASN B 226 -23.57 5.25 18.70
CA ASN B 226 -24.35 4.14 18.19
C ASN B 226 -25.55 4.69 17.41
N ASP B 227 -25.44 5.95 16.98
CA ASP B 227 -26.51 6.60 16.22
C ASP B 227 -26.14 6.54 14.72
N SER B 228 -26.84 5.70 13.97
CA SER B 228 -26.56 5.55 12.55
C SER B 228 -26.66 6.84 11.73
N THR B 229 -27.22 7.89 12.31
CA THR B 229 -27.28 9.19 11.62
C THR B 229 -25.86 9.53 11.18
N TYR B 230 -24.91 9.26 12.07
CA TYR B 230 -23.52 9.56 11.77
C TYR B 230 -22.87 8.65 10.74
N LEU B 231 -23.29 7.38 10.70
CA LEU B 231 -22.73 6.46 9.72
C LEU B 231 -23.17 6.94 8.32
N ASP B 232 -24.43 7.35 8.20
CA ASP B 232 -24.93 7.84 6.92
C ASP B 232 -24.12 9.06 6.50
N LYS B 233 -23.87 9.97 7.43
CA LYS B 233 -23.09 11.17 7.10
C LYS B 233 -21.70 10.79 6.64
N ALA B 234 -21.06 9.86 7.35
CA ALA B 234 -19.71 9.43 6.99
C ALA B 234 -19.64 8.92 5.55
N GLU B 235 -20.63 8.13 5.15
CA GLU B 235 -20.63 7.58 3.80
C GLU B 235 -20.94 8.64 2.75
N SER B 236 -21.71 9.64 3.14
CA SER B 236 -22.12 10.68 2.19
C SER B 236 -20.99 11.55 1.64
N TYR B 237 -19.89 11.67 2.38
CA TYR B 237 -18.77 12.49 1.94
C TYR B 237 -17.82 11.80 0.98
N VAL B 238 -17.91 10.48 0.90
CA VAL B 238 -17.00 9.70 0.06
C VAL B 238 -16.83 10.17 -1.38
N PRO B 239 -17.93 10.52 -2.07
CA PRO B 239 -17.81 10.97 -3.47
C PRO B 239 -16.96 12.23 -3.56
N ASN B 240 -16.84 12.95 -2.45
CA ASN B 240 -16.04 14.17 -2.43
C ASN B 240 -14.60 13.99 -1.96
N TRP B 241 -14.22 12.76 -1.61
CA TRP B 241 -12.84 12.52 -1.20
C TRP B 241 -11.97 12.68 -2.44
N GLY B 242 -10.69 12.97 -2.23
CA GLY B 242 -9.77 13.10 -3.34
C GLY B 242 -9.68 11.81 -4.14
N LYS B 243 -9.57 11.96 -5.45
CA LYS B 243 -9.48 10.82 -6.36
C LYS B 243 -8.04 10.68 -6.83
N GLU B 244 -7.74 9.58 -7.51
CA GLU B 244 -6.41 9.37 -8.02
C GLU B 244 -6.39 10.02 -9.42
N GLN B 245 -5.29 10.72 -9.73
CA GLN B 245 -5.10 11.40 -11.02
C GLN B 245 -5.38 10.45 -12.19
N GLN B 246 -5.96 10.97 -13.27
CA GLN B 246 -6.27 10.16 -14.46
C GLN B 246 -7.51 9.27 -14.37
N THR B 247 -7.77 8.73 -13.18
CA THR B 247 -8.93 7.85 -12.96
C THR B 247 -10.04 8.55 -12.16
N ASP B 248 -11.06 7.79 -11.78
CA ASP B 248 -12.18 8.31 -10.99
C ASP B 248 -12.33 7.41 -9.76
N ILE B 249 -11.18 6.93 -9.31
CA ILE B 249 -11.07 6.03 -8.16
C ILE B 249 -10.59 6.81 -6.95
N ILE B 250 -11.06 6.41 -5.77
CA ILE B 250 -10.65 7.07 -4.52
C ILE B 250 -9.13 7.00 -4.41
N ALA B 251 -8.51 8.11 -4.02
CA ALA B 251 -7.05 8.17 -3.90
C ALA B 251 -6.52 7.00 -3.09
N TYR B 252 -5.42 6.42 -3.54
CA TYR B 252 -4.84 5.30 -2.82
C TYR B 252 -3.32 5.32 -2.78
N LYS B 253 -2.70 6.31 -3.40
CA LYS B 253 -1.24 6.35 -3.44
C LYS B 253 -0.52 7.14 -2.34
N TRP B 254 -1.24 7.55 -1.32
CA TRP B 254 -0.58 8.25 -0.21
C TRP B 254 -0.79 7.37 1.02
N GLY B 255 -0.97 7.97 2.20
CA GLY B 255 -1.19 7.18 3.39
C GLY B 255 -1.85 7.99 4.47
N GLN B 256 -2.36 7.30 5.49
CA GLN B 256 -3.02 7.93 6.63
C GLN B 256 -2.04 8.93 7.25
N CYS B 257 -2.49 10.17 7.47
CA CYS B 257 -1.64 11.19 8.11
C CYS B 257 -2.52 12.34 8.56
N TRP B 258 -1.94 13.29 9.29
CA TRP B 258 -2.73 14.42 9.81
C TRP B 258 -3.54 15.19 8.77
N ASP B 259 -3.08 15.19 7.52
CA ASP B 259 -3.75 15.94 6.43
C ASP B 259 -4.70 15.08 5.62
N ASP B 260 -4.56 13.76 5.75
CA ASP B 260 -5.41 12.85 4.99
C ASP B 260 -5.82 11.65 5.83
N VAL B 261 -7.05 11.67 6.31
CA VAL B 261 -7.53 10.58 7.14
C VAL B 261 -8.57 9.70 6.45
N HIS B 262 -8.69 9.79 5.13
CA HIS B 262 -9.69 8.96 4.48
C HIS B 262 -9.26 7.48 4.46
N TYR B 263 -7.97 7.23 4.65
CA TYR B 263 -7.50 5.85 4.67
C TYR B 263 -8.05 5.18 5.94
N GLY B 264 -7.94 5.87 7.06
CA GLY B 264 -8.48 5.33 8.30
C GLY B 264 -10.01 5.26 8.24
N ALA B 265 -10.63 6.30 7.68
CA ALA B 265 -12.09 6.31 7.58
C ALA B 265 -12.62 5.15 6.75
N GLU B 266 -12.01 4.89 5.60
CA GLU B 266 -12.48 3.81 4.73
C GLU B 266 -12.20 2.43 5.32
N LEU B 267 -11.14 2.32 6.12
CA LEU B 267 -10.83 1.05 6.74
C LEU B 267 -11.95 0.75 7.73
N LEU B 268 -12.28 1.73 8.56
CA LEU B 268 -13.34 1.58 9.54
C LEU B 268 -14.70 1.37 8.86
N LEU B 269 -14.95 2.10 7.77
CA LEU B 269 -16.23 1.92 7.08
C LEU B 269 -16.35 0.51 6.49
N ALA B 270 -15.23 -0.08 6.08
CA ALA B 270 -15.28 -1.44 5.53
C ALA B 270 -15.67 -2.39 6.67
N LYS B 271 -15.04 -2.20 7.83
CA LYS B 271 -15.35 -3.06 8.97
C LYS B 271 -16.77 -2.86 9.49
N LEU B 272 -17.26 -1.62 9.44
CA LEU B 272 -18.59 -1.32 9.93
C LEU B 272 -19.76 -1.62 8.99
N THR B 273 -19.48 -1.65 7.69
CA THR B 273 -20.56 -1.88 6.73
C THR B 273 -20.36 -3.10 5.85
N ASN B 274 -19.10 -3.52 5.70
CA ASN B 274 -18.71 -4.64 4.85
C ASN B 274 -19.03 -4.36 3.38
N LYS B 275 -19.16 -3.07 3.03
CA LYS B 275 -19.42 -2.70 1.65
C LYS B 275 -18.16 -2.86 0.82
N GLN B 276 -18.32 -3.41 -0.37
CA GLN B 276 -17.20 -3.65 -1.25
C GLN B 276 -16.38 -2.41 -1.59
N LEU B 277 -17.04 -1.27 -1.77
CA LEU B 277 -16.34 -0.05 -2.11
C LEU B 277 -15.21 0.27 -1.13
N TYR B 278 -15.50 0.15 0.15
CA TYR B 278 -14.49 0.45 1.17
C TYR B 278 -13.42 -0.62 1.23
N LYS B 279 -13.83 -1.87 1.07
CA LYS B 279 -12.87 -2.96 1.08
C LYS B 279 -11.90 -2.77 -0.08
N ASP B 280 -12.43 -2.53 -1.27
CA ASP B 280 -11.58 -2.33 -2.46
C ASP B 280 -10.65 -1.14 -2.26
N SER B 281 -11.18 -0.08 -1.65
CA SER B 281 -10.40 1.13 -1.42
C SER B 281 -9.21 0.94 -0.49
N ILE B 282 -9.46 0.41 0.70
CA ILE B 282 -8.34 0.22 1.63
C ILE B 282 -7.36 -0.82 1.10
N GLU B 283 -7.85 -1.88 0.44
CA GLU B 283 -6.89 -2.85 -0.06
C GLU B 283 -6.07 -2.29 -1.23
N MET B 284 -6.63 -1.33 -1.96
CA MET B 284 -5.87 -0.72 -3.06
C MET B 284 -4.70 0.03 -2.42
N ASN B 285 -4.97 0.73 -1.33
CA ASN B 285 -3.93 1.48 -0.62
C ASN B 285 -2.90 0.53 -0.03
N LEU B 286 -3.34 -0.47 0.73
CA LEU B 286 -2.41 -1.41 1.35
C LEU B 286 -1.62 -2.22 0.32
N ASP B 287 -2.27 -2.53 -0.80
CA ASP B 287 -1.61 -3.26 -1.85
C ASP B 287 -0.53 -2.38 -2.48
N PHE B 288 -0.86 -1.12 -2.72
CA PHE B 288 0.11 -0.19 -3.30
C PHE B 288 1.36 -0.13 -2.39
N TRP B 289 1.15 -0.27 -1.09
CA TRP B 289 2.24 -0.21 -0.11
C TRP B 289 2.98 -1.50 0.14
N THR B 290 2.46 -2.59 -0.41
CA THR B 290 3.09 -3.88 -0.19
C THR B 290 3.49 -4.57 -1.49
N THR B 291 2.55 -5.20 -2.16
CA THR B 291 2.85 -5.90 -3.40
C THR B 291 2.72 -5.03 -4.64
N GLY B 292 2.05 -3.90 -4.51
CA GLY B 292 1.83 -3.01 -5.65
C GLY B 292 0.50 -3.33 -6.31
N VAL B 293 -0.06 -2.40 -7.07
CA VAL B 293 -1.35 -2.60 -7.76
C VAL B 293 -1.54 -1.75 -9.00
N ASN B 294 -2.22 -2.30 -9.99
CA ASN B 294 -2.45 -1.59 -11.25
C ASN B 294 -1.12 -1.11 -11.81
N GLY B 295 -0.11 -1.96 -11.68
CA GLY B 295 1.23 -1.63 -12.16
C GLY B 295 1.94 -0.53 -11.40
N THR B 296 1.46 -0.21 -10.19
CA THR B 296 2.08 0.84 -9.37
C THR B 296 2.42 0.38 -7.95
N ARG B 297 3.50 0.92 -7.38
CA ARG B 297 3.90 0.54 -6.02
C ARG B 297 4.69 1.66 -5.35
N VAL B 298 4.53 1.78 -4.03
CA VAL B 298 5.28 2.78 -3.27
C VAL B 298 6.76 2.41 -3.40
N SER B 299 7.65 3.39 -3.31
CA SER B 299 9.08 3.09 -3.43
C SER B 299 9.53 2.38 -2.16
N TYR B 300 10.58 1.57 -2.29
CA TYR B 300 11.16 0.85 -1.17
C TYR B 300 12.66 1.12 -1.18
N THR B 301 13.23 1.39 -0.02
CA THR B 301 14.67 1.63 0.07
C THR B 301 15.33 0.27 -0.05
N PRO B 302 16.64 0.23 -0.37
CA PRO B 302 17.31 -1.05 -0.50
C PRO B 302 17.18 -1.93 0.75
N LYS B 303 17.14 -1.29 1.92
CA LYS B 303 17.03 -2.02 3.18
C LYS B 303 15.60 -2.34 3.64
N GLY B 304 14.63 -2.14 2.76
CA GLY B 304 13.26 -2.52 3.10
C GLY B 304 12.25 -1.55 3.63
N LEU B 305 12.57 -0.26 3.66
CA LEU B 305 11.63 0.74 4.15
C LEU B 305 10.71 1.22 3.02
N ALA B 306 9.40 1.15 3.25
CA ALA B 306 8.44 1.63 2.28
C ALA B 306 8.57 3.14 2.45
N TRP B 307 9.06 3.80 1.39
CA TRP B 307 9.36 5.23 1.41
C TRP B 307 8.39 6.08 0.58
N LEU B 308 7.52 6.83 1.27
CA LEU B 308 6.52 7.65 0.58
C LEU B 308 7.11 8.94 0.02
N PHE B 309 7.88 9.62 0.85
CA PHE B 309 8.57 10.83 0.41
C PHE B 309 9.55 11.31 1.48
N GLN B 310 10.33 12.33 1.15
CA GLN B 310 11.39 12.81 2.04
C GLN B 310 11.09 13.19 3.47
N TRP B 311 9.89 13.72 3.74
CA TRP B 311 9.53 14.15 5.09
C TRP B 311 8.82 13.06 5.91
N GLY B 312 9.35 12.80 7.11
CA GLY B 312 8.74 11.80 7.96
C GLY B 312 8.48 10.48 7.25
N SER B 313 9.50 9.94 6.61
CA SER B 313 9.32 8.67 5.91
C SER B 313 8.93 7.55 6.90
N LEU B 314 9.51 7.58 8.10
CA LEU B 314 9.18 6.56 9.10
C LEU B 314 7.77 6.77 9.61
N ARG B 315 7.38 8.04 9.76
CA ARG B 315 6.04 8.39 10.18
C ARG B 315 5.03 7.73 9.23
N HIS B 316 5.25 7.86 7.92
CA HIS B 316 4.34 7.27 6.96
C HIS B 316 4.36 5.76 6.95
N ALA B 317 5.55 5.17 6.97
CA ALA B 317 5.67 3.72 6.93
C ALA B 317 5.04 3.06 8.16
N THR B 318 5.34 3.60 9.34
CA THR B 318 4.81 3.01 10.57
C THR B 318 3.31 3.23 10.73
N THR B 319 2.78 4.31 10.14
CA THR B 319 1.36 4.55 10.22
C THR B 319 0.67 3.54 9.30
N GLN B 320 1.22 3.33 8.11
CA GLN B 320 0.64 2.35 7.20
C GLN B 320 0.73 0.95 7.82
N ALA B 321 1.78 0.70 8.59
CA ALA B 321 1.94 -0.59 9.24
C ALA B 321 0.77 -0.83 10.19
N PHE B 322 0.38 0.22 10.92
CA PHE B 322 -0.75 0.13 11.85
C PHE B 322 -2.02 -0.24 11.09
N LEU B 323 -2.34 0.50 10.03
CA LEU B 323 -3.54 0.21 9.27
C LEU B 323 -3.51 -1.22 8.73
N ALA B 324 -2.35 -1.66 8.25
CA ALA B 324 -2.23 -3.02 7.69
C ALA B 324 -2.52 -4.04 8.79
N GLY B 325 -2.01 -3.78 9.99
CA GLY B 325 -2.23 -4.69 11.10
C GLY B 325 -3.68 -4.79 11.51
N VAL B 326 -4.36 -3.64 11.58
CA VAL B 326 -5.76 -3.61 11.97
C VAL B 326 -6.60 -4.33 10.92
N TYR B 327 -6.36 -4.00 9.67
CA TYR B 327 -7.13 -4.58 8.57
C TYR B 327 -6.88 -6.08 8.38
N ALA B 328 -5.64 -6.50 8.58
CA ALA B 328 -5.29 -7.91 8.40
C ALA B 328 -6.02 -8.81 9.39
N GLU B 329 -6.40 -8.24 10.53
CA GLU B 329 -7.08 -8.99 11.58
C GLU B 329 -8.58 -9.12 11.37
N TRP B 330 -9.13 -8.28 10.49
CA TRP B 330 -10.56 -8.29 10.20
C TRP B 330 -10.94 -9.45 9.28
N GLU B 331 -12.00 -10.15 9.64
CA GLU B 331 -12.49 -11.29 8.86
C GLU B 331 -12.79 -10.94 7.40
N GLY B 332 -13.09 -9.68 7.14
CA GLY B 332 -13.40 -9.25 5.77
C GLY B 332 -12.21 -9.07 4.84
N CYS B 333 -11.01 -9.05 5.40
CA CYS B 333 -9.80 -8.89 4.60
C CYS B 333 -9.65 -10.06 3.64
N THR B 334 -9.25 -9.78 2.41
CA THR B 334 -9.04 -10.84 1.41
C THR B 334 -8.07 -11.82 2.06
N PRO B 335 -8.52 -13.06 2.27
CA PRO B 335 -7.69 -14.11 2.89
C PRO B 335 -6.25 -14.18 2.39
N SER B 336 -6.07 -14.08 1.07
CA SER B 336 -4.75 -14.18 0.47
C SER B 336 -3.80 -13.03 0.77
N LYS B 337 -4.31 -11.93 1.35
CA LYS B 337 -3.48 -10.78 1.68
C LYS B 337 -3.15 -10.62 3.17
N VAL B 338 -3.79 -11.42 4.00
CA VAL B 338 -3.55 -11.32 5.44
C VAL B 338 -2.06 -11.44 5.83
N SER B 339 -1.37 -12.47 5.34
CA SER B 339 0.05 -12.62 5.68
C SER B 339 0.90 -11.51 5.07
N VAL B 340 0.53 -11.06 3.87
CA VAL B 340 1.29 -9.98 3.24
C VAL B 340 1.19 -8.74 4.13
N TYR B 341 -0.01 -8.41 4.56
CA TYR B 341 -0.22 -7.25 5.41
C TYR B 341 0.46 -7.40 6.78
N LYS B 342 0.40 -8.59 7.38
CA LYS B 342 1.05 -8.78 8.68
C LYS B 342 2.57 -8.72 8.56
N ASP B 343 3.10 -9.25 7.46
CA ASP B 343 4.54 -9.22 7.25
C ASP B 343 5.00 -7.78 7.11
N PHE B 344 4.19 -6.96 6.45
CA PHE B 344 4.46 -5.55 6.23
C PHE B 344 4.48 -4.80 7.58
N LEU B 345 3.49 -5.09 8.42
CA LEU B 345 3.43 -4.47 9.74
C LEU B 345 4.76 -4.71 10.46
N LYS B 346 5.22 -5.96 10.45
CA LYS B 346 6.45 -6.28 11.14
C LYS B 346 7.70 -5.72 10.49
N SER B 347 7.79 -5.78 9.16
CA SER B 347 8.98 -5.28 8.49
C SER B 347 9.19 -3.80 8.70
N GLN B 348 8.10 -3.02 8.61
CA GLN B 348 8.23 -1.58 8.78
C GLN B 348 8.54 -1.20 10.23
N ILE B 349 7.88 -1.84 11.18
CA ILE B 349 8.17 -1.54 12.59
C ILE B 349 9.60 -1.97 12.90
N ASP B 350 10.00 -3.14 12.43
CA ASP B 350 11.37 -3.59 12.68
C ASP B 350 12.41 -2.64 12.08
N TYR B 351 12.10 -2.01 10.95
CA TYR B 351 13.03 -1.05 10.33
C TYR B 351 13.19 0.13 11.31
N ALA B 352 12.08 0.60 11.85
CA ALA B 352 12.13 1.71 12.79
C ALA B 352 12.89 1.34 14.05
N LEU B 353 12.70 0.10 14.51
CA LEU B 353 13.32 -0.35 15.75
C LEU B 353 14.78 -0.81 15.67
N GLY B 354 15.23 -1.31 14.52
CA GLY B 354 16.61 -1.72 14.45
C GLY B 354 17.08 -2.70 13.39
N SER B 355 16.25 -3.01 12.39
CA SER B 355 16.66 -4.00 11.38
C SER B 355 17.86 -3.58 10.51
N THR B 356 18.15 -2.29 10.47
CA THR B 356 19.29 -1.84 9.69
C THR B 356 20.54 -1.84 10.55
N GLY B 357 20.38 -2.18 11.84
CA GLY B 357 21.51 -2.21 12.75
C GLY B 357 21.52 -1.07 13.76
N ARG B 358 20.54 -0.17 13.64
CA ARG B 358 20.44 0.94 14.59
C ARG B 358 18.98 1.34 14.72
N SER B 359 18.64 1.86 15.89
CA SER B 359 17.27 2.29 16.17
C SER B 359 17.03 3.74 15.73
N PHE B 360 15.81 4.00 15.31
CA PHE B 360 15.40 5.35 14.91
C PHE B 360 14.46 5.93 15.96
N VAL B 361 14.42 5.28 17.13
CA VAL B 361 13.59 5.69 18.26
C VAL B 361 14.51 6.20 19.38
N VAL B 362 14.36 7.47 19.75
CA VAL B 362 15.18 8.06 20.79
C VAL B 362 15.11 7.27 22.11
N GLY B 363 16.27 7.08 22.75
CA GLY B 363 16.31 6.35 24.00
C GLY B 363 15.91 4.89 23.95
N TYR B 364 15.97 4.28 22.77
CA TYR B 364 15.61 2.88 22.61
C TYR B 364 16.55 2.12 21.69
N GLY B 365 16.86 0.89 22.08
CA GLY B 365 17.68 0.03 21.25
C GLY B 365 19.13 0.39 21.00
N VAL B 366 19.64 -0.11 19.87
CA VAL B 366 21.02 0.09 19.49
C VAL B 366 21.31 1.40 18.74
N ASN B 367 22.27 2.16 19.25
CA ASN B 367 22.69 3.39 18.60
C ASN B 367 21.51 4.28 18.23
N PRO B 368 20.64 4.58 19.21
CA PRO B 368 19.49 5.43 18.87
C PRO B 368 19.93 6.87 18.55
N PRO B 369 19.03 7.65 17.92
CA PRO B 369 19.37 9.04 17.57
C PRO B 369 19.70 9.84 18.83
N GLN B 370 20.78 10.62 18.74
CA GLN B 370 21.27 11.44 19.84
C GLN B 370 20.96 12.92 19.73
N HIS B 371 20.53 13.37 18.56
CA HIS B 371 20.30 14.79 18.37
C HIS B 371 18.98 15.12 17.67
N PRO B 372 17.86 14.60 18.20
CA PRO B 372 16.59 14.93 17.53
C PRO B 372 16.38 16.45 17.58
N HIS B 373 15.73 16.98 16.56
CA HIS B 373 15.50 18.43 16.49
C HIS B 373 14.40 18.78 17.51
N HIS B 374 14.80 19.08 18.75
CA HIS B 374 13.85 19.35 19.82
C HIS B 374 14.47 20.32 20.82
N ARG B 375 13.81 21.47 20.99
CA ARG B 375 14.30 22.51 21.90
C ARG B 375 14.44 22.13 23.36
N THR B 376 13.37 21.60 23.94
CA THR B 376 13.42 21.28 25.35
C THR B 376 14.30 20.10 25.68
N ALA B 377 14.33 19.08 24.82
CA ALA B 377 15.20 17.94 25.10
C ALA B 377 16.67 18.34 24.94
N HIS B 378 16.97 19.22 23.98
CA HIS B 378 18.35 19.68 23.79
C HIS B 378 18.75 20.46 25.04
N GLY B 379 17.93 21.45 25.40
CA GLY B 379 18.23 22.22 26.61
C GLY B 379 19.29 23.29 26.53
N SER B 380 19.26 24.10 25.49
CA SER B 380 20.23 25.18 25.39
C SER B 380 19.85 26.24 26.43
N TRP B 381 20.84 26.88 27.06
CA TRP B 381 20.52 27.95 28.00
C TRP B 381 20.98 29.29 27.42
N THR B 382 21.48 29.26 26.18
CA THR B 382 21.99 30.45 25.51
C THR B 382 21.37 30.75 24.13
N ASP B 383 20.17 30.24 23.88
CA ASP B 383 19.52 30.46 22.60
C ASP B 383 20.46 30.08 21.45
N GLN B 384 20.99 28.86 21.49
CA GLN B 384 21.91 28.35 20.47
C GLN B 384 21.63 26.87 20.24
N MET B 385 21.41 26.51 18.98
CA MET B 385 21.15 25.12 18.62
C MET B 385 22.43 24.30 18.78
N THR B 386 23.57 24.98 18.72
CA THR B 386 24.88 24.35 18.80
C THR B 386 25.48 24.24 20.18
N SER B 387 24.78 24.76 21.19
CA SER B 387 25.32 24.72 22.54
C SER B 387 24.24 24.42 23.58
N PRO B 388 24.43 23.39 24.41
CA PRO B 388 25.60 22.49 24.43
C PRO B 388 25.66 21.64 23.17
N THR B 389 26.77 20.94 22.98
CA THR B 389 26.97 20.10 21.78
C THR B 389 26.32 18.72 21.89
N TYR B 390 25.57 18.50 22.96
CA TYR B 390 24.86 17.24 23.17
C TYR B 390 23.51 17.60 23.75
N HIS B 391 22.58 16.64 23.73
CA HIS B 391 21.25 16.83 24.29
C HIS B 391 21.31 16.57 25.79
N ARG B 392 20.81 17.50 26.58
CA ARG B 392 20.85 17.29 28.02
C ARG B 392 19.81 16.30 28.52
N HIS B 393 18.78 16.06 27.71
CA HIS B 393 17.71 15.14 28.10
C HIS B 393 17.48 14.08 27.03
N THR B 394 16.95 12.94 27.46
CA THR B 394 16.59 11.84 26.55
C THR B 394 15.07 11.83 26.40
N ILE B 395 14.58 12.22 25.22
CA ILE B 395 13.14 12.25 24.98
C ILE B 395 12.72 10.88 24.47
N TYR B 396 12.64 9.95 25.42
CA TYR B 396 12.29 8.56 25.16
C TYR B 396 11.12 8.35 24.23
N GLY B 397 11.28 7.42 23.31
CA GLY B 397 10.20 7.05 22.40
C GLY B 397 10.00 7.82 21.11
N ALA B 398 10.58 9.00 21.00
CA ALA B 398 10.40 9.82 19.79
C ALA B 398 10.93 9.13 18.54
N LEU B 399 10.08 9.03 17.52
CA LEU B 399 10.47 8.42 16.26
C LEU B 399 10.93 9.56 15.34
N VAL B 400 12.18 9.51 14.89
CA VAL B 400 12.68 10.59 14.02
C VAL B 400 12.10 10.51 12.61
N GLY B 401 12.24 11.58 11.85
CA GLY B 401 11.71 11.62 10.49
C GLY B 401 12.07 10.39 9.69
N GLY B 402 13.35 10.06 9.68
CA GLY B 402 13.75 8.88 8.95
C GLY B 402 14.73 9.16 7.84
N PRO B 403 15.24 8.11 7.21
CA PRO B 403 16.21 8.20 6.12
C PRO B 403 15.67 8.65 4.78
N ASP B 404 16.59 8.85 3.84
CA ASP B 404 16.21 9.23 2.50
C ASP B 404 15.89 7.92 1.78
N ASN B 405 15.55 7.99 0.50
CA ASN B 405 15.18 6.79 -0.27
C ASN B 405 16.28 5.76 -0.46
N ALA B 406 17.50 6.08 -0.06
CA ALA B 406 18.61 5.16 -0.18
C ALA B 406 19.11 4.76 1.21
N ASP B 407 18.25 4.93 2.21
CA ASP B 407 18.56 4.60 3.60
C ASP B 407 19.59 5.53 4.22
N GLY B 408 19.85 6.64 3.56
CA GLY B 408 20.81 7.59 4.11
C GLY B 408 20.20 8.32 5.29
N TYR B 409 20.98 8.50 6.35
CA TYR B 409 20.49 9.19 7.54
C TYR B 409 21.64 9.81 8.33
N THR B 410 21.47 11.07 8.72
CA THR B 410 22.50 11.77 9.47
C THR B 410 21.89 12.31 10.75
N ASP B 411 22.49 11.95 11.88
CA ASP B 411 22.00 12.35 13.20
C ASP B 411 22.64 13.68 13.66
N GLU B 412 22.02 14.78 13.24
CA GLU B 412 22.48 16.13 13.59
C GLU B 412 21.26 16.90 14.03
N ILE B 413 21.47 17.81 14.99
CA ILE B 413 20.37 18.59 15.52
C ILE B 413 19.68 19.46 14.46
N ASN B 414 20.41 19.94 13.47
CA ASN B 414 19.72 20.73 12.47
C ASN B 414 19.43 20.03 11.16
N ASN B 415 19.37 18.70 11.21
CA ASN B 415 18.97 17.97 10.04
C ASN B 415 17.48 17.97 10.36
N TYR B 416 16.88 19.14 10.21
CA TYR B 416 15.47 19.39 10.52
C TYR B 416 14.53 18.54 9.68
N VAL B 417 15.11 17.67 8.86
CA VAL B 417 14.36 16.75 8.02
C VAL B 417 14.47 15.36 8.63
N ASN B 418 15.64 14.74 8.44
CA ASN B 418 15.95 13.39 8.94
C ASN B 418 15.64 13.24 10.42
N ASN B 419 15.93 14.29 11.18
CA ASN B 419 15.82 14.25 12.63
C ASN B 419 14.69 14.98 13.31
N GLU B 420 13.68 15.42 12.56
CA GLU B 420 12.58 16.08 13.24
C GLU B 420 11.80 15.00 14.00
N ILE B 421 11.12 15.40 15.07
CA ILE B 421 10.27 14.49 15.83
C ILE B 421 8.99 15.28 16.06
N ALA B 422 7.86 14.59 16.06
CA ALA B 422 6.57 15.28 16.20
C ALA B 422 5.45 14.35 16.65
N CYS B 423 4.41 14.94 17.24
CA CYS B 423 3.27 14.17 17.71
C CYS B 423 2.76 13.21 16.64
N ASP B 424 2.54 13.71 15.44
CA ASP B 424 1.97 12.83 14.41
C ASP B 424 2.89 11.69 13.98
N TYR B 425 4.19 11.91 14.09
CA TYR B 425 5.18 10.88 13.75
C TYR B 425 5.01 9.65 14.63
N ASN B 426 4.67 9.88 15.90
CA ASN B 426 4.52 8.76 16.85
C ASN B 426 3.12 8.18 17.00
N ALA B 427 2.13 8.81 16.36
CA ALA B 427 0.75 8.35 16.51
C ALA B 427 0.48 6.96 15.95
N GLY B 428 0.59 6.81 14.64
CA GLY B 428 0.37 5.51 14.00
C GLY B 428 1.37 4.49 14.54
N PHE B 429 2.59 4.97 14.76
CA PHE B 429 3.66 4.15 15.28
C PHE B 429 3.21 3.45 16.59
N THR B 430 2.62 4.21 17.51
CA THR B 430 2.19 3.62 18.77
C THR B 430 1.18 2.50 18.55
N GLY B 431 0.28 2.69 17.58
CA GLY B 431 -0.72 1.67 17.28
C GLY B 431 -0.07 0.43 16.70
N ALA B 432 0.89 0.63 15.80
CA ALA B 432 1.59 -0.49 15.19
C ALA B 432 2.38 -1.26 16.24
N LEU B 433 2.98 -0.54 17.18
CA LEU B 433 3.76 -1.19 18.24
C LEU B 433 2.87 -2.02 19.15
N ALA B 434 1.68 -1.50 19.46
CA ALA B 434 0.76 -2.24 20.30
C ALA B 434 0.39 -3.54 19.57
N LYS B 435 0.23 -3.48 18.25
CA LYS B 435 -0.10 -4.69 17.49
C LYS B 435 1.04 -5.69 17.50
N MET B 436 2.27 -5.23 17.28
CA MET B 436 3.42 -6.13 17.30
C MET B 436 3.64 -6.71 18.70
N TYR B 437 3.38 -5.93 19.74
CA TYR B 437 3.52 -6.44 21.10
C TYR B 437 2.49 -7.55 21.29
N LYS B 438 1.28 -7.35 20.76
CA LYS B 438 0.24 -8.37 20.87
C LYS B 438 0.71 -9.64 20.16
N HIS B 439 1.32 -9.45 19.00
CA HIS B 439 1.79 -10.58 18.20
C HIS B 439 3.03 -11.26 18.74
N SER B 440 4.04 -10.47 19.08
CA SER B 440 5.32 -11.03 19.48
C SER B 440 5.88 -10.70 20.87
N GLY B 441 5.17 -9.87 21.65
CA GLY B 441 5.66 -9.58 22.97
C GLY B 441 6.88 -8.68 23.10
N GLY B 442 7.60 -8.85 24.21
CA GLY B 442 8.75 -8.04 24.52
C GLY B 442 8.29 -7.29 25.76
N ASP B 443 8.94 -7.53 26.89
CA ASP B 443 8.53 -6.91 28.14
C ASP B 443 8.96 -5.47 28.38
N PRO B 444 7.99 -4.62 28.75
CA PRO B 444 8.35 -3.22 29.00
C PRO B 444 9.14 -3.19 30.32
N ILE B 445 9.84 -2.10 30.55
CA ILE B 445 10.60 -1.93 31.79
C ILE B 445 9.57 -1.59 32.88
N PRO B 446 9.52 -2.37 33.98
CA PRO B 446 8.55 -2.08 35.03
C PRO B 446 8.73 -0.72 35.71
N ASN B 447 7.63 -0.02 35.95
CA ASN B 447 7.64 1.28 36.60
C ASN B 447 8.74 2.16 36.01
N PHE B 448 8.75 2.24 34.69
CA PHE B 448 9.73 3.03 33.99
C PHE B 448 9.52 4.52 34.19
N LYS B 449 10.61 5.21 34.53
CA LYS B 449 10.56 6.64 34.72
C LYS B 449 11.73 7.31 34.03
N ALA B 450 11.67 8.63 33.93
CA ALA B 450 12.74 9.38 33.30
C ALA B 450 13.28 10.40 34.28
N ILE B 451 13.71 9.93 35.44
CA ILE B 451 14.31 10.82 36.44
C ILE B 451 15.80 10.80 36.11
N GLU B 452 16.26 11.83 35.42
CA GLU B 452 17.64 11.91 34.98
C GLU B 452 18.63 12.39 36.01
N LYS B 453 19.87 11.98 35.81
CA LYS B 453 20.96 12.43 36.66
C LYS B 453 21.23 13.86 36.15
N ILE B 454 21.49 14.79 37.06
CA ILE B 454 21.80 16.16 36.64
C ILE B 454 23.25 16.09 36.14
N THR B 455 23.45 16.35 34.85
CA THR B 455 24.78 16.25 34.25
C THR B 455 25.65 17.51 34.15
N ASN B 456 25.11 18.67 34.53
CA ASN B 456 25.93 19.88 34.58
C ASN B 456 25.42 20.64 35.80
N ASP B 457 26.32 21.32 36.49
CA ASP B 457 25.89 22.10 37.65
C ASP B 457 24.89 23.12 37.11
N GLU B 458 23.72 23.19 37.73
CA GLU B 458 22.64 24.06 37.26
C GLU B 458 22.80 25.56 37.42
N VAL B 459 23.52 25.98 38.47
CA VAL B 459 23.77 27.39 38.67
C VAL B 459 25.24 27.46 39.08
N ILE B 460 26.04 28.18 38.31
CA ILE B 460 27.46 28.27 38.62
C ILE B 460 27.94 29.70 38.68
N ILE B 461 29.20 29.87 39.08
CA ILE B 461 29.79 31.19 39.13
C ILE B 461 31.21 31.07 38.59
N LYS B 462 31.61 32.08 37.82
CA LYS B 462 32.96 32.15 37.25
C LYS B 462 33.53 33.45 37.80
N ALA B 463 34.81 33.44 38.13
CA ALA B 463 35.39 34.66 38.68
C ALA B 463 36.81 34.87 38.22
N GLY B 464 37.28 36.10 38.41
CA GLY B 464 38.64 36.45 38.03
C GLY B 464 39.00 37.73 38.74
N LEU B 465 40.31 37.99 38.83
CA LEU B 465 40.79 39.20 39.48
C LEU B 465 40.66 40.32 38.46
N ASN B 466 39.88 41.35 38.79
CA ASN B 466 39.68 42.47 37.88
C ASN B 466 40.66 43.61 38.12
N SER B 467 40.97 43.86 39.39
CA SER B 467 41.91 44.92 39.74
C SER B 467 42.45 44.62 41.12
N THR B 468 43.68 45.05 41.38
CA THR B 468 44.27 44.83 42.68
C THR B 468 45.15 46.01 43.06
N GLY B 469 45.29 46.25 44.36
CA GLY B 469 46.12 47.34 44.81
C GLY B 469 46.63 47.02 46.21
N PRO B 470 47.56 47.82 46.75
CA PRO B 470 48.09 47.59 48.09
C PRO B 470 47.03 47.51 49.20
N ASN B 471 45.87 48.13 48.96
CA ASN B 471 44.80 48.12 49.96
C ASN B 471 43.48 47.52 49.46
N TYR B 472 43.48 46.79 48.34
CA TYR B 472 42.19 46.25 47.89
C TYR B 472 42.24 45.10 46.91
N THR B 473 41.11 44.41 46.80
CA THR B 473 40.95 43.33 45.84
C THR B 473 39.63 43.61 45.14
N GLU B 474 39.63 43.56 43.81
CA GLU B 474 38.41 43.76 43.04
C GLU B 474 38.19 42.51 42.19
N ILE B 475 37.04 41.89 42.39
CA ILE B 475 36.68 40.66 41.72
C ILE B 475 35.64 40.91 40.62
N LYS B 476 35.75 40.17 39.53
CA LYS B 476 34.75 40.21 38.46
C LYS B 476 34.13 38.81 38.58
N ALA B 477 32.85 38.75 38.88
CA ALA B 477 32.18 37.46 39.02
C ALA B 477 31.01 37.43 38.04
N VAL B 478 30.73 36.24 37.51
CA VAL B 478 29.62 36.07 36.59
C VAL B 478 28.87 34.83 37.00
N VAL B 479 27.59 35.01 37.32
CA VAL B 479 26.72 33.92 37.72
C VAL B 479 25.95 33.46 36.48
N TYR B 480 25.88 32.14 36.30
CA TYR B 480 25.19 31.54 35.15
C TYR B 480 24.10 30.57 35.56
N ASN B 481 22.93 30.74 34.95
CA ASN B 481 21.79 29.86 35.16
C ASN B 481 21.90 28.87 34.00
N GLN B 482 22.26 27.62 34.31
CA GLN B 482 22.38 26.57 33.32
C GLN B 482 21.39 25.47 33.73
N THR B 483 20.24 25.89 34.26
CA THR B 483 19.24 24.93 34.72
C THR B 483 18.64 24.07 33.63
N GLY B 484 18.33 22.83 33.98
CA GLY B 484 17.76 21.91 33.01
C GLY B 484 16.83 20.86 33.63
N TRP B 485 16.80 20.79 34.95
CA TRP B 485 15.99 19.75 35.62
C TRP B 485 15.06 20.28 36.72
N PRO B 486 14.08 21.12 36.35
CA PRO B 486 13.80 21.57 34.99
C PRO B 486 14.42 22.93 34.73
N ALA B 487 14.44 23.34 33.47
CA ALA B 487 14.91 24.67 33.12
C ALA B 487 13.98 25.57 33.93
N ARG B 488 14.51 26.65 34.50
CA ARG B 488 13.69 27.53 35.33
C ARG B 488 14.32 28.88 35.58
N VAL B 489 13.47 29.83 35.94
CA VAL B 489 13.93 31.16 36.29
C VAL B 489 14.54 31.04 37.69
N THR B 490 15.69 31.69 37.90
CA THR B 490 16.31 31.66 39.24
C THR B 490 16.41 33.12 39.67
N ASP B 491 15.41 33.55 40.45
CA ASP B 491 15.33 34.93 40.89
C ASP B 491 15.63 35.13 42.37
N LYS B 492 16.30 34.15 42.98
CA LYS B 492 16.66 34.21 44.39
C LYS B 492 18.10 33.76 44.58
N ILE B 493 18.96 34.13 43.63
CA ILE B 493 20.37 33.74 43.69
C ILE B 493 21.24 34.78 44.37
N SER B 494 22.19 34.30 45.17
CA SER B 494 23.15 35.17 45.85
C SER B 494 24.44 34.40 45.98
N PHE B 495 25.55 35.08 46.27
CA PHE B 495 26.81 34.38 46.46
C PHE B 495 27.62 35.06 47.55
N LYS B 496 28.59 34.34 48.10
CA LYS B 496 29.38 34.92 49.18
C LYS B 496 30.87 34.84 48.88
N TYR B 497 31.57 35.93 49.17
CA TYR B 497 33.02 36.02 48.96
C TYR B 497 33.66 36.06 50.35
N PHE B 498 34.39 35.00 50.69
CA PHE B 498 35.03 34.88 52.01
C PHE B 498 36.46 35.38 52.09
N MET B 499 36.74 36.07 53.20
CA MET B 499 38.05 36.66 53.46
C MET B 499 38.48 36.35 54.89
N ASP B 500 39.79 36.38 55.12
CA ASP B 500 40.34 36.22 56.46
C ASP B 500 40.82 37.65 56.71
N LEU B 501 40.22 38.33 57.68
CA LEU B 501 40.62 39.70 57.94
C LEU B 501 41.43 39.84 59.22
N SER B 502 42.17 38.79 59.57
CA SER B 502 43.01 38.84 60.76
C SER B 502 44.02 40.00 60.64
N GLU B 503 44.56 40.23 59.45
CA GLU B 503 45.52 41.31 59.29
C GLU B 503 44.90 42.69 59.53
N ILE B 504 43.60 42.82 59.26
CA ILE B 504 42.92 44.10 59.46
C ILE B 504 42.72 44.32 60.96
N VAL B 505 42.26 43.28 61.65
CA VAL B 505 42.06 43.35 63.09
C VAL B 505 43.38 43.67 63.77
N ALA B 506 44.43 42.95 63.39
CA ALA B 506 45.75 43.16 63.98
C ALA B 506 46.30 44.57 63.75
N ALA B 507 45.94 45.17 62.62
CA ALA B 507 46.40 46.51 62.31
C ALA B 507 45.63 47.57 63.11
N GLY B 508 44.65 47.11 63.87
CA GLY B 508 43.84 48.01 64.68
C GLY B 508 42.73 48.68 63.89
N ILE B 509 42.22 47.99 62.89
CA ILE B 509 41.13 48.53 62.07
C ILE B 509 39.89 47.66 62.18
N ASP B 510 38.73 48.30 62.32
CA ASP B 510 37.46 47.58 62.43
C ASP B 510 37.23 46.79 61.13
N PRO B 511 37.20 45.45 61.20
CA PRO B 511 36.98 44.69 59.96
C PRO B 511 35.62 44.93 59.34
N LEU B 512 34.62 45.26 60.15
CA LEU B 512 33.30 45.52 59.60
C LEU B 512 33.18 46.92 58.99
N SER B 513 34.26 47.70 59.08
CA SER B 513 34.29 49.06 58.55
C SER B 513 34.82 49.17 57.13
N LEU B 514 35.41 48.09 56.63
CA LEU B 514 35.97 48.12 55.28
C LEU B 514 34.94 48.49 54.22
N VAL B 515 35.35 49.34 53.28
CA VAL B 515 34.46 49.79 52.23
C VAL B 515 34.30 48.76 51.11
N THR B 516 33.06 48.40 50.82
CA THR B 516 32.79 47.47 49.72
C THR B 516 32.11 48.32 48.68
N SER B 517 32.36 48.00 47.42
CA SER B 517 31.79 48.79 46.34
C SER B 517 31.65 47.96 45.09
N SER B 518 30.97 48.52 44.10
CA SER B 518 30.79 47.84 42.83
C SER B 518 30.95 48.82 41.68
N ASN B 519 31.99 48.56 40.90
CA ASN B 519 32.37 49.35 39.74
C ASN B 519 31.39 49.14 38.59
N TYR B 520 30.83 47.94 38.53
CA TYR B 520 29.95 47.58 37.43
C TYR B 520 29.18 46.33 37.75
N SER B 521 27.93 46.28 37.30
CA SER B 521 27.13 45.08 37.52
C SER B 521 25.96 45.13 36.56
N GLU B 522 25.41 43.95 36.28
CA GLU B 522 24.25 43.84 35.42
C GLU B 522 23.09 43.51 36.37
N GLY B 523 21.94 44.11 36.15
CA GLY B 523 20.82 43.82 37.02
C GLY B 523 20.47 44.93 37.99
N LYS B 524 19.28 45.47 37.80
CA LYS B 524 18.77 46.56 38.61
C LYS B 524 18.68 46.19 40.10
N ASN B 525 18.63 44.89 40.38
CA ASN B 525 18.48 44.43 41.75
C ASN B 525 19.76 43.97 42.46
N THR B 526 20.86 43.90 41.72
CA THR B 526 22.11 43.45 42.29
C THR B 526 22.53 44.30 43.48
N LYS B 527 22.85 43.67 44.60
CA LYS B 527 23.26 44.40 45.81
C LYS B 527 24.47 43.77 46.49
N VAL B 528 25.50 44.58 46.74
CA VAL B 528 26.72 44.12 47.39
C VAL B 528 26.68 44.63 48.83
N SER B 529 26.74 43.71 49.80
CA SER B 529 26.68 44.10 51.19
C SER B 529 28.02 44.65 51.66
N GLY B 530 28.05 45.10 52.91
CA GLY B 530 29.30 45.55 53.49
C GLY B 530 29.90 44.27 54.04
N VAL B 531 31.02 44.37 54.74
CA VAL B 531 31.66 43.18 55.31
C VAL B 531 30.81 42.62 56.43
N LEU B 532 30.56 41.32 56.36
CA LEU B 532 29.76 40.62 57.36
C LEU B 532 30.56 39.51 58.04
N PRO B 533 30.26 39.23 59.32
CA PRO B 533 31.02 38.17 60.00
C PRO B 533 30.49 36.79 59.63
N TRP B 534 31.39 35.81 59.54
CA TRP B 534 31.01 34.44 59.23
C TRP B 534 31.42 33.57 60.43
N ASP B 535 32.71 33.65 60.76
CA ASP B 535 33.29 32.91 61.89
C ASP B 535 34.25 33.92 62.52
N VAL B 536 33.71 34.83 63.33
CA VAL B 536 34.54 35.86 63.94
C VAL B 536 35.72 35.32 64.75
N SER B 537 35.49 34.22 65.45
CA SER B 537 36.54 33.63 66.27
C SER B 537 37.78 33.29 65.44
N ASN B 538 37.59 33.06 64.15
CA ASN B 538 38.71 32.74 63.28
C ASN B 538 38.95 33.83 62.24
N ASN B 539 38.42 35.01 62.51
CA ASN B 539 38.59 36.18 61.65
C ASN B 539 38.08 36.01 60.22
N VAL B 540 37.07 35.16 60.04
CA VAL B 540 36.51 34.93 58.71
C VAL B 540 35.29 35.82 58.52
N TYR B 541 35.32 36.63 57.46
CA TYR B 541 34.23 37.52 57.15
C TYR B 541 33.87 37.34 55.67
N TYR B 542 32.82 37.99 55.22
CA TYR B 542 32.46 37.84 53.82
C TYR B 542 31.65 38.99 53.31
N VAL B 543 31.53 39.04 51.98
CA VAL B 543 30.71 40.03 51.33
C VAL B 543 29.63 39.20 50.66
N ASN B 544 28.39 39.66 50.81
CA ASN B 544 27.24 38.98 50.22
C ASN B 544 26.81 39.75 48.99
N VAL B 545 26.65 39.05 47.87
CA VAL B 545 26.19 39.68 46.66
C VAL B 545 24.86 39.03 46.34
N ASP B 546 23.81 39.84 46.37
CA ASP B 546 22.46 39.36 46.17
C ASP B 546 21.91 39.73 44.79
N LEU B 547 21.39 38.72 44.10
CA LEU B 547 20.80 38.93 42.78
C LEU B 547 19.31 38.66 42.84
N THR B 548 18.76 38.56 44.06
CA THR B 548 17.34 38.32 44.24
C THR B 548 16.55 39.37 43.47
N GLY B 549 15.58 38.92 42.69
CA GLY B 549 14.78 39.84 41.90
C GLY B 549 15.14 39.82 40.43
N GLU B 550 16.36 39.38 40.12
CA GLU B 550 16.81 39.30 38.74
C GLU B 550 16.17 38.10 38.06
N ASN B 551 15.56 38.35 36.91
CA ASN B 551 14.89 37.32 36.13
C ASN B 551 15.92 36.54 35.33
N ILE B 552 16.78 35.79 36.01
CA ILE B 552 17.81 35.02 35.30
C ILE B 552 17.20 33.73 34.78
N TYR B 553 17.31 33.48 33.48
CA TYR B 553 16.74 32.27 32.92
C TYR B 553 17.58 31.71 31.78
N PRO B 554 17.52 30.38 31.57
CA PRO B 554 18.30 29.73 30.52
C PRO B 554 17.71 29.91 29.12
N GLY B 555 17.74 31.14 28.62
CA GLY B 555 17.17 31.40 27.31
C GLY B 555 17.88 32.45 26.48
N GLY B 556 19.18 32.62 26.68
CA GLY B 556 19.92 33.59 25.89
C GLY B 556 21.23 33.91 26.59
N GLN B 557 22.19 34.44 25.85
CA GLN B 557 23.50 34.78 26.43
C GLN B 557 23.38 35.82 27.55
N SER B 558 22.55 36.84 27.34
CA SER B 558 22.36 37.89 28.35
C SER B 558 21.39 37.39 29.42
N ALA B 559 20.37 36.67 28.98
CA ALA B 559 19.36 36.17 29.89
C ALA B 559 19.84 35.24 31.00
N CYS B 560 20.77 34.35 30.67
CA CYS B 560 21.23 33.36 31.63
C CYS B 560 22.34 33.81 32.57
N ARG B 561 22.82 35.03 32.39
CA ARG B 561 23.93 35.45 33.22
C ARG B 561 23.82 36.82 33.82
N ARG B 562 24.62 37.04 34.86
CA ARG B 562 24.68 38.34 35.52
C ARG B 562 26.12 38.56 35.96
N GLU B 563 26.75 39.59 35.42
CA GLU B 563 28.11 39.94 35.79
C GLU B 563 28.07 40.97 36.91
N VAL B 564 28.95 40.78 37.91
CA VAL B 564 29.02 41.71 39.03
C VAL B 564 30.49 41.90 39.40
N GLN B 565 30.93 43.15 39.45
CA GLN B 565 32.29 43.45 39.86
C GLN B 565 32.17 44.07 41.24
N PHE B 566 32.95 43.59 42.21
CA PHE B 566 32.89 44.14 43.56
C PHE B 566 34.27 44.23 44.14
N ARG B 567 34.45 45.20 45.04
CA ARG B 567 35.74 45.45 45.65
C ARG B 567 35.64 45.59 47.16
N ILE B 568 36.68 45.14 47.86
CA ILE B 568 36.74 45.31 49.30
C ILE B 568 38.06 46.04 49.49
N ALA B 569 38.04 47.11 50.27
CA ALA B 569 39.27 47.88 50.47
C ALA B 569 39.62 48.18 51.91
N ALA B 570 40.92 48.14 52.19
CA ALA B 570 41.47 48.49 53.50
C ALA B 570 41.65 50.00 53.40
N PRO B 571 42.01 50.68 54.49
CA PRO B 571 42.17 52.14 54.37
C PRO B 571 43.13 52.60 53.28
N GLN B 572 42.79 53.73 52.68
CA GLN B 572 43.61 54.31 51.63
C GLN B 572 45.04 54.50 52.13
N GLY B 573 46.02 54.23 51.27
CA GLY B 573 47.42 54.42 51.64
C GLY B 573 48.07 53.31 52.46
N THR B 574 47.29 52.34 52.94
CA THR B 574 47.82 51.25 53.74
C THR B 574 48.28 50.09 52.86
N THR B 575 49.15 49.23 53.41
CA THR B 575 49.69 48.11 52.66
C THR B 575 49.64 46.75 53.36
N TYR B 576 48.78 46.62 54.37
CA TYR B 576 48.68 45.36 55.09
C TYR B 576 47.58 44.42 54.62
N TRP B 577 46.72 44.91 53.72
CA TRP B 577 45.66 44.08 53.16
C TRP B 577 46.33 42.84 52.58
N ASN B 578 45.85 41.66 52.95
CA ASN B 578 46.43 40.43 52.44
C ASN B 578 45.36 39.50 51.89
N PRO B 579 45.20 39.48 50.56
CA PRO B 579 44.18 38.61 49.96
C PRO B 579 44.60 37.14 49.96
N LYS B 580 45.88 36.87 50.13
CA LYS B 580 46.37 35.50 50.08
C LYS B 580 45.85 34.56 51.16
N ASN B 581 45.34 35.08 52.27
CA ASN B 581 44.80 34.17 53.28
C ASN B 581 43.28 34.15 53.21
N ASP B 582 42.73 34.72 52.13
CA ASP B 582 41.27 34.77 51.96
C ASP B 582 40.80 33.50 51.22
N PHE B 583 39.86 32.80 51.83
CA PHE B 583 39.34 31.55 51.26
C PHE B 583 38.92 31.70 49.79
N SER B 584 38.14 32.73 49.50
CA SER B 584 37.66 32.93 48.14
C SER B 584 38.67 33.45 47.13
N TYR B 585 39.87 33.82 47.60
CA TYR B 585 40.89 34.34 46.70
C TYR B 585 41.82 33.22 46.20
N ASP B 586 41.88 32.11 46.94
CA ASP B 586 42.75 31.01 46.56
C ASP B 586 42.47 30.46 45.16
N GLY B 587 43.52 30.38 44.36
CA GLY B 587 43.39 29.84 43.01
C GLY B 587 42.61 30.74 42.07
N LEU B 588 42.01 31.79 42.61
CA LEU B 588 41.24 32.73 41.79
C LEU B 588 42.06 33.07 40.55
N PRO B 589 41.49 32.90 39.35
CA PRO B 589 42.27 33.24 38.15
C PRO B 589 42.76 34.69 38.18
N THR B 590 44.09 34.85 38.16
CA THR B 590 44.76 36.14 38.24
C THR B 590 44.64 37.10 37.07
N THR B 591 44.45 36.57 35.86
CA THR B 591 44.34 37.42 34.67
C THR B 591 42.91 37.60 34.18
N SER B 592 42.10 38.29 34.99
CA SER B 592 40.69 38.60 34.74
C SER B 592 39.82 37.73 33.83
N THR B 593 40.42 36.83 33.05
CA THR B 593 39.61 35.96 32.21
C THR B 593 38.96 35.03 33.22
N VAL B 594 37.66 35.19 33.43
CA VAL B 594 36.97 34.39 34.42
C VAL B 594 36.87 32.91 34.09
N ASN B 595 37.00 32.10 35.14
CA ASN B 595 36.89 30.66 35.01
C ASN B 595 36.01 30.23 36.17
N THR B 596 35.37 29.08 36.03
CA THR B 596 34.51 28.56 37.07
C THR B 596 35.34 28.37 38.35
N VAL B 597 34.80 28.80 39.48
CA VAL B 597 35.47 28.66 40.77
C VAL B 597 34.54 27.96 41.75
N THR B 598 35.12 27.26 42.71
CA THR B 598 34.32 26.54 43.67
C THR B 598 34.41 27.08 45.09
N ASN B 599 35.11 28.21 45.26
CA ASN B 599 35.26 28.81 46.58
C ASN B 599 34.53 30.15 46.80
N ILE B 600 33.56 30.45 45.93
CA ILE B 600 32.71 31.65 46.07
C ILE B 600 31.34 30.97 45.94
N PRO B 601 30.88 30.31 47.02
CA PRO B 601 29.60 29.61 46.98
C PRO B 601 28.37 30.37 46.56
N VAL B 602 27.54 29.68 45.79
CA VAL B 602 26.29 30.25 45.25
C VAL B 602 25.11 29.66 46.01
N TYR B 603 24.15 30.51 46.34
CA TYR B 603 22.98 30.10 47.10
C TYR B 603 21.71 30.40 46.32
N ASP B 604 20.73 29.52 46.47
CA ASP B 604 19.44 29.66 45.80
C ASP B 604 18.43 29.72 46.95
N ASN B 605 17.84 30.89 47.15
CA ASN B 605 16.90 31.10 48.25
C ASN B 605 17.58 30.76 49.55
N GLY B 606 18.86 31.10 49.66
CA GLY B 606 19.61 30.85 50.88
C GLY B 606 20.22 29.47 51.06
N VAL B 607 19.93 28.53 50.16
CA VAL B 607 20.49 27.18 50.26
C VAL B 607 21.67 27.07 49.31
N LYS B 608 22.83 26.64 49.81
CA LYS B 608 24.01 26.51 48.98
C LYS B 608 23.79 25.47 47.88
N VAL B 609 24.00 25.87 46.64
CA VAL B 609 23.80 24.94 45.52
C VAL B 609 25.06 24.68 44.74
N PHE B 610 26.06 25.53 44.90
CA PHE B 610 27.32 25.36 44.17
C PHE B 610 28.48 25.92 44.97
N GLY B 611 29.63 25.24 44.90
CA GLY B 611 30.79 25.75 45.62
C GLY B 611 30.87 25.30 47.05
N ASN B 612 31.91 25.75 47.76
CA ASN B 612 32.16 25.38 49.15
C ASN B 612 32.32 26.58 50.05
N GLU B 613 32.08 26.38 51.33
CA GLU B 613 32.28 27.42 52.33
C GLU B 613 33.59 27.05 53.03
N PRO B 614 34.20 28.03 53.73
CA PRO B 614 35.45 27.73 54.42
C PRO B 614 35.35 26.51 55.36
#